data_6Q26
#
_entry.id   6Q26
#
_cell.length_a   116.647
_cell.length_b   135.149
_cell.length_c   175.330
_cell.angle_alpha   90.000
_cell.angle_beta   90.000
_cell.angle_gamma   90.000
#
_symmetry.space_group_name_H-M   'C 2 2 21'
#
loop_
_entity.id
_entity.type
_entity.pdbx_description
1 polymer Glucokinase
2 water water
#
_entity_poly.entity_id   1
_entity_poly.type   'polypeptide(L)'
_entity_poly.pdbx_seq_one_letter_code
;(MSE)YYIAIDIGGTQIKSAVIDKQLN(MSE)FDYQQISTPDNKSELITDKVYEIVTGY(MSE)KQYQLIQPVIGISSAG
VVDEQKGEIVYAGPTIPNYKGTNFKRLLKSLSPYVKVKNDVNAALLGELKLHQYQAERIFC(MSE)TLGTGIGGAYKNNQ
GHIDNGELHKANEVGYLLYRPTENTTFEQRAATSALKKR(MSE)IAGGFTRSTHVPVLFEAAEEGDDIAKQILNEWAEDV
AEGIAQIQV(MSE)YDPGLILIGGGISEQGDNLIKYIEPKVAHYLPKDYVYAPIQTTKSKNDAALYGCLQ
;
_entity_poly.pdbx_strand_id   A,D,C,B
#
# COMPACT_ATOMS: atom_id res chain seq x y z
N TYR A 2 24.49 -6.29 -13.68
CA TYR A 2 23.96 -7.52 -14.25
C TYR A 2 23.15 -8.29 -13.20
N TYR A 3 21.98 -8.78 -13.59
CA TYR A 3 21.11 -9.54 -12.70
C TYR A 3 20.92 -10.97 -13.22
N ILE A 4 20.91 -11.94 -12.31
CA ILE A 4 20.67 -13.34 -12.65
C ILE A 4 19.21 -13.68 -12.36
N ALA A 5 18.51 -14.17 -13.38
CA ALA A 5 17.10 -14.52 -13.28
C ALA A 5 16.94 -16.01 -13.57
N ILE A 6 16.19 -16.70 -12.69
CA ILE A 6 15.97 -18.15 -12.84
C ILE A 6 14.47 -18.43 -12.61
N ASP A 7 13.85 -19.13 -13.56
CA ASP A 7 12.42 -19.46 -13.48
C ASP A 7 12.26 -20.98 -13.46
N ILE A 8 11.94 -21.53 -12.28
CA ILE A 8 11.87 -22.96 -12.04
C ILE A 8 10.44 -23.45 -12.28
N GLY A 9 10.23 -24.22 -13.32
CA GLY A 9 8.92 -24.75 -13.66
C GLY A 9 8.82 -26.24 -13.38
N GLY A 10 7.60 -26.76 -13.60
CA GLY A 10 7.40 -28.19 -13.42
C GLY A 10 8.24 -29.01 -14.38
N THR A 11 8.31 -28.60 -15.65
CA THR A 11 9.06 -29.31 -16.67
C THR A 11 10.37 -28.64 -17.05
N GLN A 12 10.46 -27.31 -17.07
CA GLN A 12 11.66 -26.62 -17.50
C GLN A 12 12.19 -25.68 -16.43
N ILE A 13 13.51 -25.45 -16.44
CA ILE A 13 14.15 -24.37 -15.68
C ILE A 13 14.75 -23.40 -16.69
N LYS A 14 14.18 -22.21 -16.75
CA LYS A 14 14.70 -21.16 -17.61
C LYS A 14 15.59 -20.23 -16.79
N SER A 15 16.56 -19.63 -17.46
CA SER A 15 17.46 -18.69 -16.81
C SER A 15 17.98 -17.67 -17.82
N ALA A 16 18.44 -16.53 -17.31
CA ALA A 16 19.01 -15.51 -18.19
C ALA A 16 19.72 -14.48 -17.32
N VAL A 17 20.56 -13.68 -17.96
CA VAL A 17 21.19 -12.52 -17.35
C VAL A 17 20.49 -11.30 -17.91
N ILE A 18 20.12 -10.36 -17.04
CA ILE A 18 19.46 -9.12 -17.46
C ILE A 18 20.30 -7.95 -16.92
N ASP A 19 20.42 -6.89 -17.72
CA ASP A 19 21.20 -5.71 -17.36
C ASP A 19 20.27 -4.55 -16.96
N LYS A 20 20.89 -3.41 -16.62
CA LYS A 20 20.14 -2.30 -16.03
C LYS A 20 19.06 -1.80 -16.99
N GLN A 21 19.30 -1.97 -18.29
CA GLN A 21 18.47 -1.51 -19.41
C GLN A 21 17.50 -2.59 -19.91
N LEU A 22 17.39 -3.69 -19.17
CA LEU A 22 16.48 -4.82 -19.40
C LEU A 22 16.85 -5.58 -20.67
N ASN A 23 18.05 -5.38 -21.21
CA ASN A 23 18.54 -6.28 -22.25
C ASN A 23 18.75 -7.67 -21.66
N PHE A 25 20.51 -11.42 -21.87
CA PHE A 25 21.66 -12.15 -22.42
C PHE A 25 21.71 -13.58 -21.88
N ASP A 26 22.30 -14.46 -22.71
CA ASP A 26 22.65 -15.82 -22.32
C ASP A 26 21.43 -16.59 -21.79
N TYR A 27 20.30 -16.47 -22.48
CA TYR A 27 19.11 -17.25 -22.11
C TYR A 27 19.40 -18.75 -22.22
N GLN A 28 19.07 -19.48 -21.16
CA GLN A 28 19.27 -20.93 -21.08
C GLN A 28 18.01 -21.60 -20.57
N GLN A 29 17.86 -22.88 -20.92
CA GLN A 29 16.59 -23.58 -20.68
C GLN A 29 16.87 -25.07 -20.63
N ILE A 30 16.67 -25.70 -19.47
CA ILE A 30 16.93 -27.12 -19.30
C ILE A 30 15.69 -27.81 -18.72
N SER A 31 15.73 -29.14 -18.74
CA SER A 31 14.69 -29.97 -18.15
C SER A 31 14.79 -29.97 -16.64
N THR A 32 13.66 -29.82 -15.97
CA THR A 32 13.64 -29.91 -14.52
C THR A 32 13.97 -31.32 -14.06
N PRO A 33 14.94 -31.50 -13.14
CA PRO A 33 15.30 -32.86 -12.71
C PRO A 33 14.18 -33.50 -11.89
N ASP A 34 14.32 -34.80 -11.64
CA ASP A 34 13.33 -35.53 -10.85
C ASP A 34 13.34 -35.14 -9.39
N ASN A 35 14.37 -34.41 -8.94
CA ASN A 35 14.53 -34.01 -7.54
C ASN A 35 14.61 -35.21 -6.61
N LYS A 36 15.15 -36.32 -7.14
CA LYS A 36 15.41 -37.50 -6.35
C LYS A 36 16.86 -37.90 -6.52
N SER A 37 17.23 -38.39 -7.70
CA SER A 37 18.64 -38.70 -7.92
C SER A 37 19.45 -37.45 -8.22
N GLU A 38 18.91 -36.51 -9.01
CA GLU A 38 19.58 -35.24 -9.28
C GLU A 38 18.69 -34.07 -8.82
N LEU A 39 19.30 -33.10 -8.15
CA LEU A 39 18.57 -32.10 -7.37
C LEU A 39 18.35 -30.79 -8.12
N ILE A 40 17.14 -30.24 -7.98
CA ILE A 40 16.84 -28.91 -8.52
C ILE A 40 17.81 -27.87 -7.98
N THR A 41 18.08 -27.93 -6.66
CA THR A 41 19.00 -26.97 -6.03
C THR A 41 20.41 -27.06 -6.62
N ASP A 42 20.83 -28.26 -7.05
CA ASP A 42 22.14 -28.37 -7.69
C ASP A 42 22.12 -27.67 -9.05
N LYS A 43 21.04 -27.85 -9.81
CA LYS A 43 20.93 -27.14 -11.09
C LYS A 43 20.94 -25.63 -10.88
N VAL A 44 20.20 -25.13 -9.89
CA VAL A 44 20.15 -23.69 -9.64
C VAL A 44 21.54 -23.17 -9.28
N TYR A 45 22.25 -23.85 -8.39
CA TYR A 45 23.60 -23.45 -8.02
C TYR A 45 24.54 -23.49 -9.22
N GLU A 46 24.41 -24.50 -10.09
CA GLU A 46 25.26 -24.57 -11.28
C GLU A 46 25.00 -23.38 -12.21
N ILE A 47 23.74 -22.97 -12.35
CA ILE A 47 23.40 -21.84 -13.21
C ILE A 47 23.98 -20.55 -12.65
N VAL A 48 23.90 -20.35 -11.33
CA VAL A 48 24.39 -19.12 -10.72
C VAL A 48 25.91 -19.04 -10.79
N THR A 49 26.60 -20.13 -10.49
CA THR A 49 28.06 -20.12 -10.58
C THR A 49 28.49 -19.97 -12.04
N GLY A 50 27.73 -20.59 -12.96
CA GLY A 50 28.05 -20.44 -14.38
C GLY A 50 28.02 -19.00 -14.83
N TYR A 51 26.92 -18.29 -14.57
CA TYR A 51 26.83 -16.89 -14.95
C TYR A 51 27.86 -16.03 -14.21
N LYS A 53 30.80 -16.89 -13.16
CA LYS A 53 32.07 -17.07 -13.85
C LYS A 53 32.08 -16.30 -15.16
N GLN A 54 31.04 -16.49 -15.97
CA GLN A 54 31.03 -15.92 -17.32
C GLN A 54 30.98 -14.39 -17.31
N TYR A 55 30.38 -13.79 -16.29
CA TYR A 55 30.25 -12.33 -16.19
C TYR A 55 31.11 -11.73 -15.10
N GLN A 56 31.97 -12.53 -14.47
CA GLN A 56 32.84 -12.09 -13.39
C GLN A 56 32.07 -11.26 -12.36
N LEU A 57 31.02 -11.87 -11.83
CA LEU A 57 30.16 -11.24 -10.86
C LEU A 57 30.53 -11.66 -9.45
N ILE A 58 30.49 -10.71 -8.54
CA ILE A 58 30.73 -10.96 -7.13
C ILE A 58 29.49 -10.49 -6.38
N GLN A 59 28.90 -11.39 -5.60
CA GLN A 59 27.64 -11.13 -4.91
C GLN A 59 26.56 -10.60 -5.86
N PRO A 60 26.18 -11.36 -6.88
CA PRO A 60 25.17 -10.87 -7.82
C PRO A 60 23.78 -10.81 -7.19
N VAL A 61 22.95 -9.90 -7.69
CA VAL A 61 21.53 -9.95 -7.37
C VAL A 61 20.93 -11.11 -8.16
N ILE A 62 20.27 -12.02 -7.46
CA ILE A 62 19.69 -13.23 -8.03
C ILE A 62 18.18 -13.26 -7.76
N GLY A 63 17.40 -13.47 -8.80
CA GLY A 63 15.96 -13.59 -8.68
C GLY A 63 15.50 -14.97 -9.08
N ILE A 64 14.61 -15.55 -8.28
CA ILE A 64 14.16 -16.91 -8.50
C ILE A 64 12.64 -16.92 -8.56
N SER A 65 12.10 -17.44 -9.64
CA SER A 65 10.67 -17.66 -9.78
C SER A 65 10.45 -19.16 -9.70
N SER A 66 9.45 -19.59 -8.93
CA SER A 66 9.23 -21.02 -8.79
C SER A 66 7.75 -21.37 -8.63
N ALA A 67 7.37 -22.49 -9.24
CA ALA A 67 6.10 -23.16 -8.96
C ALA A 67 6.05 -23.56 -7.49
N GLY A 68 4.85 -23.95 -7.03
CA GLY A 68 4.61 -24.26 -5.63
C GLY A 68 4.13 -23.04 -4.85
N VAL A 69 3.89 -23.24 -3.56
CA VAL A 69 3.51 -22.14 -2.67
C VAL A 69 4.81 -21.60 -2.06
N VAL A 70 5.08 -20.31 -2.25
CA VAL A 70 6.35 -19.68 -1.90
C VAL A 70 6.12 -18.68 -0.78
N ASP A 71 6.95 -18.77 0.26
CA ASP A 71 7.08 -17.72 1.27
C ASP A 71 8.17 -16.75 0.80
N GLU A 72 7.75 -15.58 0.31
CA GLU A 72 8.67 -14.66 -0.34
C GLU A 72 9.67 -14.07 0.63
N GLN A 73 9.24 -13.79 1.85
CA GLN A 73 10.15 -13.24 2.83
C GLN A 73 11.19 -14.28 3.24
N LYS A 74 10.76 -15.51 3.49
CA LYS A 74 11.77 -16.53 3.79
C LYS A 74 12.53 -16.98 2.53
N GLY A 75 11.97 -16.79 1.35
CA GLY A 75 12.58 -17.35 0.14
C GLY A 75 12.56 -18.86 0.10
N GLU A 76 11.44 -19.47 0.51
CA GLU A 76 11.33 -20.89 0.78
C GLU A 76 10.05 -21.46 0.19
N ILE A 77 10.12 -22.71 -0.27
CA ILE A 77 8.94 -23.42 -0.76
C ILE A 77 8.15 -23.93 0.44
N VAL A 78 6.95 -23.38 0.65
CA VAL A 78 6.11 -23.82 1.79
C VAL A 78 5.42 -25.13 1.46
N TYR A 79 5.07 -25.33 0.20
CA TYR A 79 4.33 -26.51 -0.22
C TYR A 79 4.54 -26.72 -1.71
N ALA A 80 4.61 -27.98 -2.12
CA ALA A 80 4.63 -28.30 -3.54
C ALA A 80 3.76 -29.53 -3.78
N GLY A 81 3.18 -29.60 -4.97
CA GLY A 81 2.43 -30.76 -5.35
C GLY A 81 3.37 -31.93 -5.54
N PRO A 82 2.81 -33.15 -5.66
CA PRO A 82 3.66 -34.31 -6.00
C PRO A 82 4.25 -34.23 -7.39
N THR A 83 3.84 -33.26 -8.22
CA THR A 83 4.51 -33.01 -9.49
C THR A 83 6.01 -32.85 -9.29
N ILE A 84 6.40 -31.98 -8.35
CA ILE A 84 7.78 -31.79 -7.93
C ILE A 84 7.98 -32.39 -6.55
N PRO A 85 8.47 -33.64 -6.45
CA PRO A 85 8.61 -34.27 -5.13
C PRO A 85 9.72 -33.63 -4.30
N ASN A 86 9.68 -33.89 -3.00
CA ASN A 86 10.73 -33.51 -2.05
C ASN A 86 11.04 -32.02 -2.08
N TYR A 87 10.15 -31.21 -2.63
CA TYR A 87 10.41 -29.81 -2.88
C TYR A 87 10.14 -28.94 -1.65
N LYS A 88 9.21 -29.36 -0.80
CA LYS A 88 8.85 -28.56 0.37
C LYS A 88 10.05 -28.37 1.30
N GLY A 89 10.25 -27.13 1.77
CA GLY A 89 11.38 -26.79 2.62
C GLY A 89 12.59 -26.24 1.90
N THR A 90 12.60 -26.27 0.56
CA THR A 90 13.70 -25.73 -0.23
C THR A 90 13.83 -24.24 -0.02
N ASN A 91 15.01 -23.80 0.43
CA ASN A 91 15.21 -22.39 0.76
C ASN A 91 16.34 -21.84 -0.11
N PHE A 92 15.98 -21.07 -1.12
CA PHE A 92 16.99 -20.61 -2.06
C PHE A 92 17.91 -19.57 -1.43
N LYS A 93 17.43 -18.79 -0.45
CA LYS A 93 18.32 -17.85 0.22
C LYS A 93 19.43 -18.57 0.94
N ARG A 94 19.09 -19.63 1.67
CA ARG A 94 20.11 -20.42 2.34
C ARG A 94 21.01 -21.11 1.33
N LEU A 95 20.42 -21.63 0.25
CA LEU A 95 21.19 -22.38 -0.73
C LEU A 95 22.30 -21.53 -1.33
N LEU A 96 22.02 -20.28 -1.66
CA LEU A 96 22.98 -19.43 -2.35
C LEU A 96 23.73 -18.47 -1.41
N LYS A 97 23.57 -18.66 -0.11
CA LYS A 97 24.18 -17.79 0.91
C LYS A 97 25.69 -17.63 0.70
N SER A 98 26.38 -18.68 0.25
CA SER A 98 27.82 -18.59 0.06
C SER A 98 28.20 -17.73 -1.14
N LEU A 99 27.27 -17.53 -2.09
CA LEU A 99 27.50 -16.73 -3.29
C LEU A 99 26.98 -15.30 -3.16
N SER A 100 25.79 -15.10 -2.57
CA SER A 100 25.24 -13.75 -2.52
C SER A 100 24.24 -13.59 -1.38
N PRO A 101 24.19 -12.44 -0.73
CA PRO A 101 23.11 -12.16 0.21
C PRO A 101 21.88 -11.53 -0.42
N TYR A 102 21.86 -11.33 -1.73
CA TYR A 102 20.79 -10.60 -2.43
C TYR A 102 20.00 -11.58 -3.30
N VAL A 103 19.17 -12.39 -2.66
CA VAL A 103 18.37 -13.39 -3.35
C VAL A 103 16.90 -13.10 -3.07
N LYS A 104 16.11 -12.99 -4.13
CA LYS A 104 14.68 -12.80 -4.04
C LYS A 104 14.00 -14.04 -4.61
N VAL A 105 12.89 -14.44 -4.00
CA VAL A 105 12.16 -15.62 -4.43
C VAL A 105 10.68 -15.26 -4.53
N LYS A 106 10.03 -15.69 -5.61
CA LYS A 106 8.62 -15.42 -5.86
C LYS A 106 7.96 -16.66 -6.45
N ASN A 107 6.66 -16.81 -6.20
CA ASN A 107 5.99 -17.87 -6.94
C ASN A 107 5.81 -17.45 -8.40
N ASP A 108 5.63 -18.46 -9.26
CA ASP A 108 5.77 -18.25 -10.69
C ASP A 108 4.68 -17.35 -11.25
N VAL A 109 3.43 -17.50 -10.79
CA VAL A 109 2.36 -16.65 -11.35
C VAL A 109 2.60 -15.20 -10.95
N ASN A 110 3.08 -14.94 -9.72
CA ASN A 110 3.31 -13.55 -9.31
C ASN A 110 4.43 -12.91 -10.11
N ALA A 111 5.53 -13.65 -10.30
CA ALA A 111 6.64 -13.18 -11.12
C ALA A 111 6.20 -12.91 -12.54
N ALA A 112 5.43 -13.83 -13.14
CA ALA A 112 4.95 -13.62 -14.51
C ALA A 112 4.15 -12.32 -14.63
N LEU A 113 3.25 -12.07 -13.68
CA LEU A 113 2.43 -10.85 -13.72
C LEU A 113 3.30 -9.60 -13.55
N LEU A 114 4.23 -9.62 -12.58
CA LEU A 114 5.14 -8.48 -12.42
C LEU A 114 5.90 -8.20 -13.70
N GLY A 115 6.35 -9.26 -14.39
CA GLY A 115 7.06 -9.06 -15.64
C GLY A 115 6.16 -8.54 -16.74
N GLU A 116 5.00 -9.18 -16.91
CA GLU A 116 4.01 -8.72 -17.88
C GLU A 116 3.73 -7.23 -17.70
N LEU A 117 3.57 -6.77 -16.45
CA LEU A 117 3.25 -5.38 -16.20
C LEU A 117 4.46 -4.45 -16.32
N LYS A 118 5.68 -4.92 -16.02
CA LYS A 118 6.83 -4.03 -16.24
C LYS A 118 7.06 -3.77 -17.72
N LEU A 119 6.93 -4.80 -18.56
CA LEU A 119 7.26 -4.65 -19.98
C LEU A 119 6.12 -4.07 -20.83
N HIS A 120 4.95 -3.76 -20.26
CA HIS A 120 3.81 -3.33 -21.08
C HIS A 120 3.11 -2.12 -20.47
N GLN A 121 2.36 -1.42 -21.31
CA GLN A 121 1.53 -0.29 -20.90
C GLN A 121 0.07 -0.71 -20.97
N TYR A 122 -0.62 -0.70 -19.85
CA TYR A 122 -2.02 -1.06 -19.83
C TYR A 122 -2.83 0.12 -19.34
N GLN A 123 -4.09 0.19 -19.77
CA GLN A 123 -4.95 1.27 -19.33
C GLN A 123 -5.44 1.02 -17.91
N ALA A 124 -5.83 -0.21 -17.61
CA ALA A 124 -6.45 -0.52 -16.33
C ALA A 124 -5.47 -0.34 -15.16
N GLU A 125 -6.05 -0.03 -13.99
CA GLU A 125 -5.36 0.08 -12.71
C GLU A 125 -5.28 -1.24 -11.97
N ARG A 126 -6.35 -2.04 -12.01
CA ARG A 126 -6.41 -3.32 -11.31
C ARG A 126 -6.42 -4.42 -12.35
N ILE A 127 -5.48 -5.35 -12.26
CA ILE A 127 -5.30 -6.36 -13.30
C ILE A 127 -5.23 -7.72 -12.65
N PHE A 128 -6.13 -8.62 -13.05
CA PHE A 128 -6.06 -10.01 -12.65
C PHE A 128 -5.52 -10.84 -13.81
N CYS A 129 -4.63 -11.76 -13.50
CA CYS A 129 -4.14 -12.68 -14.52
C CYS A 129 -4.49 -14.10 -14.09
N THR A 131 -3.73 -17.98 -15.32
CA THR A 131 -2.82 -18.75 -16.16
C THR A 131 -3.38 -20.16 -16.31
N LEU A 132 -3.63 -20.57 -17.55
CA LEU A 132 -4.14 -21.90 -17.88
C LEU A 132 -2.97 -22.78 -18.28
N GLY A 133 -2.81 -23.90 -17.60
CA GLY A 133 -1.77 -24.87 -17.94
C GLY A 133 -2.14 -26.29 -17.51
N THR A 134 -1.21 -26.96 -16.82
CA THR A 134 -1.57 -28.20 -16.14
C THR A 134 -2.72 -27.96 -15.17
N GLY A 135 -2.59 -26.95 -14.33
CA GLY A 135 -3.67 -26.46 -13.49
C GLY A 135 -4.03 -25.04 -13.88
N ILE A 136 -4.61 -24.29 -12.94
CA ILE A 136 -4.92 -22.87 -13.14
C ILE A 136 -4.33 -22.10 -11.97
N GLY A 137 -3.50 -21.09 -12.26
CA GLY A 137 -2.98 -20.14 -11.28
C GLY A 137 -3.62 -18.77 -11.42
N GLY A 138 -3.47 -17.93 -10.39
CA GLY A 138 -4.05 -16.60 -10.41
C GLY A 138 -3.16 -15.61 -9.69
N ALA A 139 -3.25 -14.35 -10.11
CA ALA A 139 -2.50 -13.26 -9.47
C ALA A 139 -3.23 -11.94 -9.73
N TYR A 140 -3.16 -11.04 -8.76
CA TYR A 140 -3.91 -9.80 -8.79
C TYR A 140 -3.02 -8.64 -8.38
N LYS A 141 -2.99 -7.59 -9.20
CA LYS A 141 -2.24 -6.38 -8.96
C LYS A 141 -3.23 -5.26 -8.69
N ASN A 142 -3.16 -4.67 -7.50
CA ASN A 142 -4.32 -3.96 -7.00
C ASN A 142 -4.20 -2.47 -7.27
N ASN A 143 -5.25 -1.75 -6.86
CA ASN A 143 -5.36 -0.31 -7.06
C ASN A 143 -4.10 0.40 -6.61
N GLN A 144 -3.49 -0.07 -5.51
CA GLN A 144 -2.34 0.63 -4.94
C GLN A 144 -1.00 0.06 -5.39
N GLY A 145 -0.96 -0.80 -6.41
CA GLY A 145 0.29 -1.18 -7.06
C GLY A 145 0.90 -2.52 -6.66
N HIS A 146 0.26 -3.29 -5.79
CA HIS A 146 0.91 -4.42 -5.14
C HIS A 146 0.13 -5.70 -5.34
N ILE A 147 0.87 -6.82 -5.23
CA ILE A 147 0.31 -8.16 -5.32
C ILE A 147 0.36 -8.75 -3.93
N ASP A 148 -0.80 -8.97 -3.34
CA ASP A 148 -0.89 -9.59 -2.03
C ASP A 148 -0.87 -11.11 -2.16
N ASN A 149 0.07 -11.76 -1.48
CA ASN A 149 0.20 -13.21 -1.62
C ASN A 149 -0.65 -13.98 -0.61
N GLY A 150 -1.43 -13.30 0.23
CA GLY A 150 -2.29 -13.97 1.19
C GLY A 150 -1.64 -14.15 2.55
N GLU A 151 -2.48 -14.46 3.54
CA GLU A 151 -2.00 -14.60 4.92
C GLU A 151 -1.08 -15.82 5.06
N LEU A 152 -1.33 -16.87 4.29
CA LEU A 152 -0.53 -18.08 4.34
C LEU A 152 0.12 -18.36 2.98
N HIS A 153 0.36 -17.29 2.20
CA HIS A 153 1.04 -17.36 0.90
C HIS A 153 0.22 -18.07 -0.17
N LYS A 154 -1.09 -18.25 0.09
CA LYS A 154 -2.01 -19.04 -0.72
C LYS A 154 -3.04 -18.18 -1.45
N ALA A 155 -2.78 -16.88 -1.63
CA ALA A 155 -3.77 -16.06 -2.31
C ALA A 155 -3.96 -16.53 -3.75
N ASN A 156 -5.20 -16.45 -4.21
CA ASN A 156 -5.57 -16.63 -5.61
C ASN A 156 -5.20 -18.01 -6.15
N GLU A 157 -5.47 -19.05 -5.36
CA GLU A 157 -5.39 -20.42 -5.87
C GLU A 157 -6.71 -20.75 -6.58
N VAL A 158 -6.95 -20.01 -7.68
CA VAL A 158 -8.26 -19.97 -8.32
C VAL A 158 -8.63 -21.30 -8.94
N GLY A 159 -7.66 -22.18 -9.22
CA GLY A 159 -7.99 -23.52 -9.66
C GLY A 159 -8.89 -24.28 -8.69
N TYR A 160 -8.87 -23.93 -7.41
CA TYR A 160 -9.70 -24.57 -6.39
C TYR A 160 -11.10 -24.00 -6.31
N LEU A 161 -11.44 -22.98 -7.11
CA LEU A 161 -12.79 -22.45 -7.16
C LEU A 161 -13.79 -23.51 -7.59
N LEU A 162 -15.06 -23.28 -7.23
CA LEU A 162 -16.19 -23.95 -7.88
C LEU A 162 -16.07 -25.48 -7.81
N TYR A 163 -15.81 -26.00 -6.63
CA TYR A 163 -15.85 -27.44 -6.45
C TYR A 163 -17.29 -27.94 -6.65
N ARG A 164 -17.46 -28.94 -7.51
CA ARG A 164 -18.77 -29.54 -7.75
C ARG A 164 -18.85 -30.89 -7.05
N PRO A 165 -19.60 -31.02 -5.95
CA PRO A 165 -19.62 -32.30 -5.23
C PRO A 165 -20.08 -33.50 -6.05
N THR A 166 -21.12 -33.34 -6.88
CA THR A 166 -21.64 -34.49 -7.63
C THR A 166 -20.62 -35.03 -8.61
N GLU A 167 -19.84 -34.15 -9.23
CA GLU A 167 -18.82 -34.53 -10.19
C GLU A 167 -17.42 -34.69 -9.59
N ASN A 168 -17.19 -34.24 -8.36
CA ASN A 168 -15.87 -34.32 -7.71
C ASN A 168 -14.77 -33.63 -8.53
N THR A 169 -15.07 -32.47 -9.12
CA THR A 169 -14.06 -31.73 -9.86
C THR A 169 -14.02 -30.30 -9.33
N THR A 170 -12.82 -29.71 -9.37
CA THR A 170 -12.58 -28.30 -9.15
C THR A 170 -12.59 -27.55 -10.47
N PHE A 171 -12.55 -26.22 -10.36
CA PHE A 171 -12.39 -25.37 -11.54
C PHE A 171 -11.26 -25.85 -12.46
N GLU A 172 -10.06 -26.04 -11.91
CA GLU A 172 -8.94 -26.39 -12.79
C GLU A 172 -9.09 -27.80 -13.37
N GLN A 173 -9.80 -28.70 -12.70
CA GLN A 173 -9.95 -30.04 -13.24
C GLN A 173 -10.88 -30.06 -14.44
N ARG A 174 -11.70 -29.02 -14.63
CA ARG A 174 -12.56 -28.88 -15.80
C ARG A 174 -12.01 -27.91 -16.84
N ALA A 175 -11.25 -26.90 -16.41
CA ALA A 175 -11.00 -25.72 -17.23
C ALA A 175 -9.52 -25.49 -17.54
N ALA A 176 -8.59 -26.22 -16.92
CA ALA A 176 -7.19 -26.08 -17.31
C ALA A 176 -7.00 -26.52 -18.77
N THR A 177 -5.83 -26.16 -19.32
CA THR A 177 -5.44 -26.64 -20.65
C THR A 177 -5.37 -28.16 -20.67
N SER A 178 -4.81 -28.76 -19.61
CA SER A 178 -4.77 -30.22 -19.53
C SER A 178 -6.17 -30.82 -19.59
N ALA A 179 -7.18 -30.14 -19.04
CA ALA A 179 -8.54 -30.70 -19.09
C ALA A 179 -9.10 -30.60 -20.50
N LEU A 180 -8.78 -29.51 -21.21
CA LEU A 180 -9.19 -29.37 -22.60
C LEU A 180 -8.57 -30.47 -23.46
N LYS A 181 -7.30 -30.81 -23.20
CA LYS A 181 -6.65 -31.92 -23.92
C LYS A 181 -7.37 -33.24 -23.68
N LYS A 182 -7.74 -33.52 -22.42
CA LYS A 182 -8.49 -34.75 -22.13
C LYS A 182 -9.84 -34.73 -22.83
N ARG A 183 -10.47 -33.57 -22.89
CA ARG A 183 -11.78 -33.50 -23.53
C ARG A 183 -11.68 -33.70 -25.03
N ILE A 185 -9.31 -35.53 -26.59
CA ILE A 185 -8.99 -36.93 -26.79
C ILE A 185 -10.25 -37.79 -26.66
N ALA A 186 -11.05 -37.53 -25.62
CA ALA A 186 -12.28 -38.30 -25.45
C ALA A 186 -13.27 -37.99 -26.57
N GLY A 187 -13.11 -36.83 -27.23
CA GLY A 187 -13.94 -36.42 -28.35
C GLY A 187 -13.47 -36.90 -29.71
N GLY A 188 -12.36 -37.64 -29.76
CA GLY A 188 -11.83 -38.22 -30.98
C GLY A 188 -10.65 -37.52 -31.61
N PHE A 189 -10.09 -36.50 -30.97
CA PHE A 189 -8.88 -35.82 -31.42
C PHE A 189 -7.69 -36.61 -30.90
N THR A 190 -7.31 -37.65 -31.66
CA THR A 190 -6.36 -38.63 -31.18
C THR A 190 -5.03 -38.62 -31.93
N ARG A 191 -4.99 -38.08 -33.15
CA ARG A 191 -3.77 -38.16 -33.95
C ARG A 191 -2.77 -37.08 -33.55
N SER A 192 -3.22 -35.85 -33.35
CA SER A 192 -2.37 -34.82 -32.75
C SER A 192 -2.87 -34.51 -31.36
N THR A 193 -1.95 -34.59 -30.39
CA THR A 193 -2.25 -34.19 -29.02
C THR A 193 -2.40 -32.69 -28.88
N HIS A 194 -1.92 -31.93 -29.85
CA HIS A 194 -1.63 -30.52 -29.70
C HIS A 194 -2.88 -29.66 -29.65
N VAL A 195 -2.97 -28.82 -28.60
CA VAL A 195 -4.12 -27.92 -28.45
C VAL A 195 -4.34 -26.98 -29.64
N PRO A 196 -3.32 -26.36 -30.25
CA PRO A 196 -3.60 -25.46 -31.39
C PRO A 196 -4.35 -26.11 -32.54
N VAL A 197 -4.20 -27.42 -32.75
CA VAL A 197 -4.91 -28.04 -33.85
C VAL A 197 -6.41 -27.96 -33.63
N LEU A 198 -6.85 -28.08 -32.38
CA LEU A 198 -8.26 -27.91 -32.05
C LEU A 198 -8.78 -26.53 -32.47
N PHE A 199 -8.03 -25.47 -32.21
CA PHE A 199 -8.49 -24.13 -32.60
C PHE A 199 -8.53 -23.95 -34.12
N GLU A 200 -7.49 -24.41 -34.81
CA GLU A 200 -7.48 -24.36 -36.27
C GLU A 200 -8.64 -25.14 -36.87
N ALA A 201 -8.92 -26.32 -36.32
CA ALA A 201 -10.04 -27.11 -36.81
C ALA A 201 -11.36 -26.36 -36.62
N ALA A 202 -11.51 -25.69 -35.47
CA ALA A 202 -12.72 -24.90 -35.23
C ALA A 202 -12.81 -23.72 -36.19
N GLU A 203 -11.68 -23.06 -36.46
CA GLU A 203 -11.69 -21.95 -37.41
C GLU A 203 -12.15 -22.37 -38.79
N GLU A 204 -11.85 -23.62 -39.19
CA GLU A 204 -12.27 -24.12 -40.50
C GLU A 204 -13.73 -24.52 -40.54
N GLY A 205 -14.45 -24.47 -39.41
CA GLY A 205 -15.84 -24.85 -39.39
C GLY A 205 -16.15 -26.26 -38.89
N ASP A 206 -15.15 -27.01 -38.40
CA ASP A 206 -15.39 -28.39 -37.94
C ASP A 206 -16.24 -28.38 -36.68
N ASP A 207 -17.46 -28.93 -36.77
CA ASP A 207 -18.43 -28.73 -35.68
C ASP A 207 -18.01 -29.42 -34.40
N ILE A 208 -17.40 -30.61 -34.48
CA ILE A 208 -17.01 -31.30 -33.25
C ILE A 208 -15.93 -30.52 -32.50
N ALA A 209 -14.97 -29.95 -33.24
CA ALA A 209 -13.97 -29.12 -32.59
C ALA A 209 -14.62 -27.90 -31.93
N LYS A 210 -15.58 -27.27 -32.62
CA LYS A 210 -16.27 -26.12 -32.02
C LYS A 210 -17.04 -26.52 -30.78
N GLN A 211 -17.70 -27.68 -30.80
CA GLN A 211 -18.50 -28.08 -29.64
C GLN A 211 -17.61 -28.34 -28.42
N ILE A 212 -16.48 -29.04 -28.61
CA ILE A 212 -15.54 -29.26 -27.51
C ILE A 212 -15.03 -27.94 -26.96
N LEU A 213 -14.66 -27.00 -27.83
CA LEU A 213 -14.12 -25.72 -27.38
C LEU A 213 -15.16 -24.90 -26.61
N ASN A 214 -16.38 -24.82 -27.14
CA ASN A 214 -17.41 -24.02 -26.49
C ASN A 214 -17.79 -24.60 -25.12
N GLU A 215 -17.89 -25.93 -25.02
CA GLU A 215 -18.23 -26.56 -23.75
C GLU A 215 -17.17 -26.29 -22.70
N TRP A 216 -15.89 -26.37 -23.10
CA TRP A 216 -14.79 -26.08 -22.19
C TRP A 216 -14.74 -24.58 -21.85
N ALA A 217 -14.89 -23.71 -22.86
CA ALA A 217 -14.87 -22.28 -22.61
C ALA A 217 -15.97 -21.89 -21.62
N GLU A 218 -17.10 -22.57 -21.70
CA GLU A 218 -18.17 -22.33 -20.75
C GLU A 218 -17.69 -22.53 -19.32
N ASP A 219 -16.97 -23.65 -19.07
CA ASP A 219 -16.42 -23.92 -17.75
C ASP A 219 -15.33 -22.90 -17.37
N VAL A 220 -14.51 -22.48 -18.34
CA VAL A 220 -13.54 -21.41 -18.05
C VAL A 220 -14.26 -20.14 -17.63
N ALA A 221 -15.29 -19.75 -18.37
CA ALA A 221 -15.97 -18.47 -18.14
C ALA A 221 -16.62 -18.43 -16.77
N GLU A 222 -17.16 -19.57 -16.32
CA GLU A 222 -17.74 -19.66 -15.00
C GLU A 222 -16.74 -19.24 -13.93
N GLY A 223 -15.48 -19.67 -14.05
CA GLY A 223 -14.48 -19.27 -13.08
C GLY A 223 -14.17 -17.79 -13.15
N ILE A 224 -14.11 -17.24 -14.36
CA ILE A 224 -13.81 -15.81 -14.55
C ILE A 224 -14.88 -14.94 -13.89
N ALA A 225 -16.15 -15.34 -14.00
CA ALA A 225 -17.23 -14.58 -13.36
C ALA A 225 -17.03 -14.46 -11.85
N GLN A 226 -16.53 -15.53 -11.20
CA GLN A 226 -16.32 -15.47 -9.74
C GLN A 226 -15.26 -14.43 -9.41
N ILE A 227 -14.18 -14.41 -10.19
CA ILE A 227 -13.13 -13.42 -10.02
C ILE A 227 -13.65 -12.03 -10.32
N GLN A 228 -14.53 -11.91 -11.32
CA GLN A 228 -15.06 -10.61 -11.67
C GLN A 228 -15.77 -9.95 -10.49
N VAL A 229 -16.72 -10.66 -9.86
CA VAL A 229 -17.54 -10.01 -8.84
C VAL A 229 -16.77 -9.79 -7.54
N TYR A 231 -13.14 -9.12 -7.47
CA TYR A 231 -12.08 -8.13 -7.64
C TYR A 231 -12.55 -6.88 -8.36
N ASP A 232 -13.57 -6.99 -9.21
CA ASP A 232 -13.99 -5.91 -10.08
C ASP A 232 -12.77 -5.28 -10.76
N PRO A 233 -11.94 -6.08 -11.43
CA PRO A 233 -10.72 -5.53 -12.01
C PRO A 233 -11.05 -4.75 -13.27
N GLY A 234 -10.10 -3.89 -13.68
CA GLY A 234 -10.23 -3.16 -14.93
C GLY A 234 -9.81 -3.94 -16.15
N LEU A 235 -9.15 -5.07 -15.95
CA LEU A 235 -8.65 -5.91 -17.04
C LEU A 235 -8.37 -7.29 -16.47
N ILE A 236 -8.73 -8.32 -17.25
CA ILE A 236 -8.48 -9.71 -16.92
C ILE A 236 -7.57 -10.27 -18.00
N LEU A 237 -6.37 -10.68 -17.63
CA LEU A 237 -5.43 -11.31 -18.54
C LEU A 237 -5.52 -12.82 -18.42
N ILE A 238 -5.43 -13.50 -19.56
CA ILE A 238 -5.30 -14.96 -19.61
C ILE A 238 -3.89 -15.28 -20.11
N GLY A 239 -3.16 -16.04 -19.30
CA GLY A 239 -1.83 -16.48 -19.63
C GLY A 239 -1.70 -17.98 -19.78
N GLY A 240 -0.48 -18.46 -19.94
CA GLY A 240 -0.20 -19.87 -20.16
C GLY A 240 -0.02 -20.16 -21.64
N GLY A 241 0.50 -21.36 -21.91
CA GLY A 241 0.77 -21.73 -23.30
C GLY A 241 -0.41 -21.45 -24.21
N ILE A 242 -1.61 -21.84 -23.80
CA ILE A 242 -2.76 -21.73 -24.68
C ILE A 242 -3.05 -20.27 -25.06
N SER A 243 -2.51 -19.31 -24.31
CA SER A 243 -2.76 -17.90 -24.58
C SER A 243 -2.10 -17.42 -25.86
N GLU A 244 -1.20 -18.22 -26.44
CA GLU A 244 -0.68 -17.92 -27.77
C GLU A 244 -1.79 -17.84 -28.81
N GLN A 245 -2.98 -18.39 -28.53
CA GLN A 245 -4.09 -18.36 -29.47
C GLN A 245 -4.77 -16.99 -29.55
N GLY A 246 -4.43 -16.06 -28.66
CA GLY A 246 -4.92 -14.69 -28.74
C GLY A 246 -6.43 -14.60 -28.77
N ASP A 247 -6.93 -13.72 -29.63
CA ASP A 247 -8.38 -13.51 -29.72
C ASP A 247 -9.12 -14.79 -30.04
N ASN A 248 -8.46 -15.74 -30.71
CA ASN A 248 -9.15 -16.99 -30.99
C ASN A 248 -9.45 -17.78 -29.72
N LEU A 249 -8.69 -17.55 -28.65
CA LEU A 249 -9.07 -18.08 -27.35
C LEU A 249 -10.13 -17.19 -26.70
N ILE A 250 -9.94 -15.88 -26.77
CA ILE A 250 -10.81 -14.92 -26.06
C ILE A 250 -12.24 -15.00 -26.58
N LYS A 251 -12.42 -15.09 -27.90
CA LYS A 251 -13.76 -15.03 -28.47
C LYS A 251 -14.64 -16.16 -28.00
N TYR A 252 -14.06 -17.29 -27.59
CA TYR A 252 -14.87 -18.37 -27.03
C TYR A 252 -15.25 -18.11 -25.58
N ILE A 253 -14.39 -17.44 -24.83
CA ILE A 253 -14.57 -17.31 -23.38
C ILE A 253 -15.36 -16.05 -23.02
N GLU A 254 -14.94 -14.91 -23.59
CA GLU A 254 -15.46 -13.60 -23.20
C GLU A 254 -16.98 -13.51 -23.23
N PRO A 255 -17.67 -13.91 -24.31
CA PRO A 255 -19.14 -13.75 -24.32
C PRO A 255 -19.85 -14.62 -23.30
N LYS A 256 -19.24 -15.72 -22.87
CA LYS A 256 -19.88 -16.65 -21.96
C LYS A 256 -19.78 -16.22 -20.50
N VAL A 257 -18.84 -15.33 -20.15
CA VAL A 257 -18.78 -14.83 -18.78
C VAL A 257 -20.13 -14.24 -18.37
N ALA A 258 -20.82 -13.61 -19.32
CA ALA A 258 -22.15 -13.02 -19.04
C ALA A 258 -23.15 -14.06 -18.52
N HIS A 259 -22.96 -15.34 -18.88
CA HIS A 259 -23.89 -16.38 -18.47
C HIS A 259 -23.92 -16.57 -16.95
N TYR A 260 -22.88 -16.15 -16.24
CA TYR A 260 -22.82 -16.37 -14.80
C TYR A 260 -22.92 -15.09 -14.02
N LEU A 261 -23.26 -13.98 -14.68
CA LEU A 261 -23.34 -12.70 -14.01
C LEU A 261 -24.77 -12.20 -14.12
N PRO A 262 -25.18 -11.27 -13.26
CA PRO A 262 -26.54 -10.73 -13.36
C PRO A 262 -26.76 -10.02 -14.69
N LYS A 263 -28.04 -9.86 -15.03
CA LYS A 263 -28.46 -9.23 -16.27
C LYS A 263 -27.81 -7.86 -16.43
N ASP A 264 -27.21 -7.63 -17.61
CA ASP A 264 -26.58 -6.38 -18.03
C ASP A 264 -25.35 -5.99 -17.21
N TYR A 265 -24.81 -6.90 -16.41
CA TYR A 265 -23.61 -6.60 -15.65
C TYR A 265 -22.46 -6.30 -16.60
N VAL A 266 -21.78 -5.17 -16.37
CA VAL A 266 -20.64 -4.76 -17.20
C VAL A 266 -19.39 -5.36 -16.57
N TYR A 267 -18.73 -6.29 -17.26
CA TYR A 267 -17.53 -6.90 -16.69
C TYR A 267 -16.31 -6.49 -17.49
N ALA A 268 -15.13 -6.75 -16.91
CA ALA A 268 -13.88 -6.23 -17.42
C ALA A 268 -13.54 -6.82 -18.80
N PRO A 269 -12.84 -6.05 -19.63
CA PRO A 269 -12.25 -6.63 -20.84
C PRO A 269 -11.33 -7.81 -20.50
N ILE A 270 -11.27 -8.77 -21.43
CA ILE A 270 -10.47 -9.97 -21.25
C ILE A 270 -9.53 -10.11 -22.45
N GLN A 271 -8.24 -10.23 -22.16
CA GLN A 271 -7.19 -10.28 -23.18
C GLN A 271 -6.19 -11.35 -22.78
N THR A 272 -5.35 -11.75 -23.73
CA THR A 272 -4.25 -12.65 -23.44
C THR A 272 -3.00 -11.85 -23.07
N THR A 273 -2.14 -12.46 -22.25
CA THR A 273 -0.86 -11.85 -21.89
C THR A 273 -0.08 -11.55 -23.16
N LYS A 274 0.83 -10.57 -23.12
CA LYS A 274 1.61 -10.31 -24.32
C LYS A 274 2.98 -10.98 -24.30
N SER A 275 3.65 -11.04 -23.16
CA SER A 275 4.98 -11.65 -23.12
C SER A 275 4.80 -13.14 -22.83
N LYS A 276 5.24 -13.97 -23.78
CA LYS A 276 4.90 -15.39 -23.75
C LYS A 276 5.93 -16.26 -23.04
N ASN A 277 7.18 -15.86 -23.00
CA ASN A 277 8.20 -16.75 -22.48
C ASN A 277 8.98 -16.17 -21.31
N ASP A 278 9.32 -14.88 -21.36
CA ASP A 278 10.28 -14.23 -20.48
C ASP A 278 9.68 -13.62 -19.23
N ALA A 279 8.34 -13.64 -19.11
CA ALA A 279 7.68 -12.76 -18.16
C ALA A 279 8.20 -12.96 -16.73
N ALA A 280 8.29 -14.23 -16.28
CA ALA A 280 8.70 -14.50 -14.90
C ALA A 280 10.18 -14.19 -14.67
N LEU A 281 11.02 -14.33 -15.71
CA LEU A 281 12.43 -13.98 -15.57
C LEU A 281 12.61 -12.50 -15.22
N TYR A 282 11.88 -11.61 -15.92
CA TYR A 282 11.87 -10.19 -15.56
C TYR A 282 11.17 -9.98 -14.22
N GLY A 283 10.03 -10.63 -14.00
CA GLY A 283 9.24 -10.37 -12.81
C GLY A 283 9.91 -10.80 -11.51
N CYS A 284 10.74 -11.85 -11.55
CA CYS A 284 11.37 -12.36 -10.34
C CYS A 284 12.44 -11.41 -9.81
N LEU A 285 12.87 -10.43 -10.58
CA LEU A 285 13.76 -9.37 -10.14
C LEU A 285 13.01 -8.19 -9.52
N GLN A 286 11.68 -8.18 -9.57
CA GLN A 286 10.93 -7.00 -9.15
C GLN A 286 10.37 -7.13 -7.74
N TYR B 2 -2.89 2.48 -28.57
CA TYR B 2 -2.03 3.66 -28.53
C TYR B 2 -2.38 4.61 -27.38
N TYR B 3 -1.35 5.08 -26.70
CA TYR B 3 -1.43 6.07 -25.64
C TYR B 3 -0.71 7.33 -26.12
N ILE B 4 -1.24 8.49 -25.80
CA ILE B 4 -0.64 9.78 -26.13
C ILE B 4 0.11 10.30 -24.90
N ALA B 5 1.39 10.62 -25.07
CA ALA B 5 2.23 11.07 -23.97
C ALA B 5 2.78 12.45 -24.28
N ILE B 6 2.65 13.38 -23.33
CA ILE B 6 3.14 14.75 -23.53
C ILE B 6 3.91 15.20 -22.28
N ASP B 7 5.13 15.72 -22.50
CA ASP B 7 6.03 16.19 -21.45
C ASP B 7 6.31 17.68 -21.66
N ILE B 8 5.70 18.53 -20.83
CA ILE B 8 5.81 19.97 -20.99
C ILE B 8 7.04 20.43 -20.22
N GLY B 9 8.11 20.78 -20.96
CA GLY B 9 9.37 21.19 -20.38
C GLY B 9 9.74 22.66 -20.59
N GLY B 10 10.82 23.05 -19.90
CA GLY B 10 11.30 24.42 -19.99
C GLY B 10 11.87 24.80 -21.35
N THR B 11 12.71 23.94 -21.93
CA THR B 11 13.39 24.25 -23.19
C THR B 11 12.79 23.52 -24.39
N GLN B 12 12.38 22.27 -24.20
CA GLN B 12 11.80 21.49 -25.28
C GLN B 12 10.44 20.97 -24.84
N ILE B 13 9.55 20.76 -25.80
CA ILE B 13 8.31 20.02 -25.56
C ILE B 13 8.38 18.73 -26.35
N LYS B 14 8.47 17.61 -25.63
CA LYS B 14 8.45 16.31 -26.27
C LYS B 14 7.03 15.75 -26.23
N SER B 15 6.70 14.95 -27.25
CA SER B 15 5.42 14.28 -27.37
C SER B 15 5.64 12.99 -28.15
N ALA B 16 4.71 12.04 -28.00
CA ALA B 16 4.87 10.76 -28.69
C ALA B 16 3.59 9.94 -28.59
N VAL B 17 3.52 8.93 -29.44
CA VAL B 17 2.52 7.87 -29.37
C VAL B 17 3.24 6.61 -28.89
N ILE B 18 2.70 5.99 -27.84
CA ILE B 18 3.30 4.80 -27.26
C ILE B 18 2.27 3.67 -27.30
N ASP B 19 2.73 2.46 -27.63
CA ASP B 19 1.84 1.33 -27.74
C ASP B 19 1.99 0.42 -26.53
N LYS B 20 1.24 -0.68 -26.55
CA LYS B 20 1.16 -1.59 -25.41
C LYS B 20 2.53 -2.18 -25.05
N GLN B 21 3.45 -2.31 -26.03
CA GLN B 21 4.77 -2.89 -25.78
C GLN B 21 5.84 -1.83 -25.57
N LEU B 22 5.44 -0.58 -25.30
CA LEU B 22 6.33 0.54 -25.01
C LEU B 22 7.16 0.95 -26.22
N ASN B 23 6.77 0.56 -27.43
CA ASN B 23 7.34 1.18 -28.63
C ASN B 23 6.88 2.62 -28.68
N PHE B 25 6.26 5.85 -31.16
CA PHE B 25 6.05 6.30 -32.52
C PHE B 25 5.83 7.80 -32.54
N ASP B 26 6.30 8.44 -33.62
CA ASP B 26 6.07 9.88 -33.85
C ASP B 26 6.63 10.74 -32.73
N TYR B 27 7.88 10.50 -32.38
CA TYR B 27 8.57 11.27 -31.34
C TYR B 27 8.62 12.78 -31.65
N ASP B 34 4.20 30.79 -23.97
CA ASP B 34 4.44 31.73 -22.88
C ASP B 34 3.21 31.84 -21.98
N ASN B 35 2.12 31.20 -22.41
CA ASN B 35 0.84 31.23 -21.70
C ASN B 35 0.28 32.64 -21.56
N LYS B 36 0.62 33.51 -22.51
CA LYS B 36 0.07 34.86 -22.61
C LYS B 36 -0.39 35.09 -24.03
N SER B 37 0.55 35.14 -24.98
CA SER B 37 0.17 35.27 -26.39
C SER B 37 -0.36 33.95 -26.95
N GLU B 38 0.29 32.83 -26.61
CA GLU B 38 -0.16 31.48 -26.95
C GLU B 38 -0.21 30.63 -25.69
N LEU B 39 -1.30 29.89 -25.48
CA LEU B 39 -1.57 29.22 -24.20
C LEU B 39 -1.23 27.73 -24.21
N ILE B 40 -0.72 27.25 -23.07
CA ILE B 40 -0.41 25.83 -22.90
C ILE B 40 -1.63 24.97 -23.18
N THR B 41 -2.80 25.34 -22.62
CA THR B 41 -4.01 24.55 -22.80
C THR B 41 -4.37 24.41 -24.26
N ASP B 42 -3.98 25.41 -25.07
CA ASP B 42 -4.17 25.36 -26.52
C ASP B 42 -3.26 24.35 -27.18
N LYS B 43 -1.97 24.34 -26.79
CA LYS B 43 -1.03 23.38 -27.34
C LYS B 43 -1.43 21.95 -27.04
N VAL B 44 -1.87 21.69 -25.79
CA VAL B 44 -2.35 20.36 -25.40
C VAL B 44 -3.56 19.96 -26.23
N TYR B 45 -4.53 20.88 -26.37
CA TYR B 45 -5.71 20.60 -27.19
C TYR B 45 -5.36 20.37 -28.65
N GLU B 46 -4.30 21.01 -29.17
CA GLU B 46 -3.90 20.69 -30.54
C GLU B 46 -3.27 19.30 -30.62
N ILE B 47 -2.28 19.02 -29.77
CA ILE B 47 -1.51 17.78 -29.87
C ILE B 47 -2.41 16.56 -29.78
N VAL B 48 -3.39 16.58 -28.87
CA VAL B 48 -4.29 15.45 -28.72
C VAL B 48 -5.12 15.25 -29.99
N THR B 49 -5.60 16.36 -30.58
CA THR B 49 -6.35 16.25 -31.84
C THR B 49 -5.45 15.87 -33.02
N GLY B 50 -4.21 16.37 -33.06
CA GLY B 50 -3.29 16.01 -34.12
C GLY B 50 -3.01 14.51 -34.20
N TYR B 51 -2.54 13.92 -33.09
CA TYR B 51 -2.28 12.48 -33.07
C TYR B 51 -3.58 11.69 -33.26
N LYS B 53 -6.13 12.40 -35.03
CA LYS B 53 -6.58 12.37 -36.42
C LYS B 53 -5.73 11.41 -37.25
N GLN B 54 -4.40 11.47 -37.13
CA GLN B 54 -3.53 10.66 -37.98
C GLN B 54 -3.66 9.17 -37.70
N TYR B 55 -4.05 8.78 -36.50
CA TYR B 55 -4.18 7.37 -36.20
C TYR B 55 -5.63 6.97 -35.89
N GLN B 56 -6.60 7.88 -36.06
CA GLN B 56 -8.00 7.66 -35.72
C GLN B 56 -8.27 6.94 -34.42
N LEU B 57 -7.94 7.69 -33.36
CA LEU B 57 -8.16 7.29 -31.99
C LEU B 57 -9.46 7.93 -31.51
N ILE B 58 -10.27 7.18 -30.79
CA ILE B 58 -11.51 7.71 -30.21
C ILE B 58 -11.44 7.51 -28.70
N GLN B 59 -11.56 8.60 -27.95
CA GLN B 59 -11.34 8.61 -26.51
C GLN B 59 -10.01 7.96 -26.11
N PRO B 60 -8.89 8.46 -26.62
CA PRO B 60 -7.60 7.85 -26.30
C PRO B 60 -7.20 8.15 -24.87
N VAL B 61 -6.35 7.27 -24.31
CA VAL B 61 -5.68 7.61 -23.06
C VAL B 61 -4.59 8.62 -23.35
N ILE B 62 -4.60 9.74 -22.61
CA ILE B 62 -3.63 10.81 -22.76
C ILE B 62 -2.95 11.01 -21.42
N GLY B 63 -1.62 11.03 -21.43
CA GLY B 63 -0.82 11.27 -20.22
C GLY B 63 -0.03 12.55 -20.34
N ILE B 64 -0.03 13.34 -19.25
CA ILE B 64 0.51 14.71 -19.23
C ILE B 64 1.51 14.88 -18.10
N SER B 65 2.74 15.26 -18.44
CA SER B 65 3.76 15.61 -17.44
C SER B 65 4.07 17.10 -17.53
N SER B 66 4.03 17.80 -16.39
CA SER B 66 4.22 19.24 -16.36
C SER B 66 4.80 19.70 -15.02
N ALA B 67 5.64 20.74 -15.09
CA ALA B 67 6.15 21.42 -13.89
C ALA B 67 5.00 22.02 -13.06
N GLY B 68 5.36 22.44 -11.84
CA GLY B 68 4.39 22.94 -10.89
C GLY B 68 3.85 21.86 -9.95
N VAL B 69 2.95 22.29 -9.07
CA VAL B 69 2.26 21.41 -8.12
C VAL B 69 0.94 20.97 -8.73
N VAL B 70 0.72 19.67 -8.83
CA VAL B 70 -0.40 19.09 -9.56
C VAL B 70 -1.30 18.32 -8.58
N ASP B 71 -2.61 18.61 -8.62
CA ASP B 71 -3.59 17.77 -7.93
C ASP B 71 -3.96 16.65 -8.89
N GLU B 72 -3.36 15.48 -8.68
CA GLU B 72 -3.43 14.39 -9.66
C GLU B 72 -4.84 13.82 -9.79
N GLN B 73 -5.61 13.82 -8.70
CA GLN B 73 -6.98 13.33 -8.79
C GLN B 73 -7.85 14.28 -9.59
N LYS B 74 -7.95 15.53 -9.14
CA LYS B 74 -8.71 16.53 -9.87
C LYS B 74 -8.07 16.86 -11.21
N GLY B 75 -6.80 16.50 -11.40
CA GLY B 75 -6.11 16.84 -12.64
C GLY B 75 -5.87 18.32 -12.81
N GLU B 76 -5.46 19.01 -11.75
CA GLU B 76 -5.50 20.46 -11.72
C GLU B 76 -4.18 21.03 -11.21
N ILE B 77 -3.75 22.14 -11.81
CA ILE B 77 -2.58 22.87 -11.36
C ILE B 77 -2.96 23.70 -10.14
N VAL B 78 -2.46 23.30 -8.98
CA VAL B 78 -2.73 24.03 -7.74
C VAL B 78 -1.82 25.26 -7.62
N TYR B 79 -0.58 25.15 -8.11
CA TYR B 79 0.38 26.23 -8.01
C TYR B 79 1.45 26.06 -9.10
N ALA B 80 1.90 27.19 -9.65
CA ALA B 80 3.02 27.25 -10.57
C ALA B 80 3.86 28.48 -10.25
N GLY B 81 5.16 28.36 -10.47
CA GLY B 81 6.09 29.46 -10.22
C GLY B 81 6.01 30.71 -11.09
N ASN B 86 0.00 32.58 -15.45
CA ASN B 86 -1.43 32.32 -15.58
C ASN B 86 -1.76 30.85 -15.44
N TYR B 87 -0.87 30.08 -14.83
CA TYR B 87 -1.05 28.65 -14.89
C TYR B 87 -1.99 28.08 -13.82
N LYS B 88 -2.04 28.68 -12.63
CA LYS B 88 -2.80 28.09 -11.53
C LYS B 88 -4.28 27.97 -11.87
N GLY B 89 -4.86 26.79 -11.58
CA GLY B 89 -6.24 26.50 -11.93
C GLY B 89 -6.47 25.77 -13.23
N THR B 90 -5.43 25.57 -14.04
CA THR B 90 -5.54 24.80 -15.28
C THR B 90 -5.99 23.37 -15.00
N ASN B 91 -7.14 22.98 -15.55
CA ASN B 91 -7.71 21.66 -15.31
C ASN B 91 -7.77 20.93 -16.66
N PHE B 92 -6.84 20.00 -16.87
CA PHE B 92 -6.78 19.33 -18.16
C PHE B 92 -7.93 18.35 -18.37
N LYS B 93 -8.40 17.69 -17.30
CA LYS B 93 -9.53 16.77 -17.43
C LYS B 93 -10.77 17.50 -17.92
N ARG B 94 -11.05 18.68 -17.34
CA ARG B 94 -12.15 19.52 -17.82
C ARG B 94 -11.83 20.09 -19.20
N LEU B 95 -10.57 20.43 -19.46
CA LEU B 95 -10.17 21.02 -20.74
C LEU B 95 -10.46 20.08 -21.90
N LEU B 96 -10.13 18.80 -21.75
CA LEU B 96 -10.26 17.83 -22.84
C LEU B 96 -11.46 16.91 -22.68
N LYS B 97 -12.35 17.23 -21.72
CA LYS B 97 -13.52 16.39 -21.43
C LYS B 97 -14.29 16.04 -22.70
N SER B 98 -14.29 16.95 -23.68
CA SER B 98 -15.00 16.70 -24.93
C SER B 98 -14.32 15.66 -25.79
N LEU B 99 -13.02 15.43 -25.61
CA LEU B 99 -12.31 14.44 -26.40
C LEU B 99 -12.21 13.10 -25.68
N SER B 100 -11.85 13.12 -24.41
CA SER B 100 -11.66 11.85 -23.74
C SER B 100 -11.83 12.05 -22.24
N PRO B 101 -12.41 11.08 -21.54
CA PRO B 101 -12.43 11.11 -20.08
C PRO B 101 -11.20 10.49 -19.44
N TYR B 102 -10.22 10.08 -20.25
CA TYR B 102 -9.04 9.36 -19.77
C TYR B 102 -7.81 10.25 -19.91
N VAL B 103 -7.72 11.22 -19.02
CA VAL B 103 -6.60 12.16 -18.99
C VAL B 103 -5.88 12.01 -17.66
N LYS B 104 -4.56 11.89 -17.74
CA LYS B 104 -3.65 11.77 -16.61
C LYS B 104 -2.71 12.94 -16.54
N VAL B 105 -2.49 13.45 -15.33
CA VAL B 105 -1.62 14.60 -15.14
C VAL B 105 -0.69 14.28 -13.99
N LYS B 106 0.60 14.57 -14.17
CA LYS B 106 1.60 14.32 -13.13
C LYS B 106 2.59 15.46 -13.15
N ASN B 107 3.18 15.75 -11.98
CA ASN B 107 4.28 16.72 -12.03
C ASN B 107 5.48 16.05 -12.68
N ASP B 108 6.40 16.87 -13.18
CA ASP B 108 7.44 16.34 -14.06
C ASP B 108 8.39 15.39 -13.33
N VAL B 109 8.75 15.70 -12.08
CA VAL B 109 9.72 14.85 -11.39
C VAL B 109 9.13 13.48 -11.11
N ASN B 110 7.85 13.44 -10.74
CA ASN B 110 7.20 12.15 -10.51
C ASN B 110 7.10 11.36 -11.80
N ALA B 111 6.72 12.03 -12.88
CA ALA B 111 6.67 11.37 -14.18
C ALA B 111 8.03 10.82 -14.57
N ALA B 112 9.09 11.63 -14.42
CA ALA B 112 10.43 11.18 -14.79
C ALA B 112 10.84 9.95 -14.00
N LEU B 113 10.59 9.95 -12.69
CA LEU B 113 10.99 8.80 -11.86
C LEU B 113 10.21 7.54 -12.26
N LEU B 114 8.89 7.65 -12.45
CA LEU B 114 8.14 6.47 -12.86
C LEU B 114 8.69 5.91 -14.16
N GLY B 115 8.98 6.79 -15.11
CA GLY B 115 9.55 6.34 -16.38
C GLY B 115 10.91 5.71 -16.21
N GLU B 116 11.78 6.36 -15.44
CA GLU B 116 13.10 5.84 -15.11
C GLU B 116 13.03 4.42 -14.56
N LEU B 117 12.15 4.17 -13.60
CA LEU B 117 12.11 2.88 -12.95
C LEU B 117 11.38 1.84 -13.80
N LYS B 118 10.38 2.24 -14.60
CA LYS B 118 9.72 1.24 -15.45
C LYS B 118 10.71 0.70 -16.48
N LEU B 119 11.53 1.58 -17.03
CA LEU B 119 12.43 1.24 -18.12
C LEU B 119 13.74 0.62 -17.65
N HIS B 120 13.98 0.46 -16.35
CA HIS B 120 15.25 -0.08 -15.88
C HIS B 120 15.06 -1.08 -14.74
N GLN B 121 16.09 -1.88 -14.52
CA GLN B 121 16.18 -2.76 -13.35
C GLN B 121 17.18 -2.18 -12.37
N TYR B 122 16.74 -1.92 -11.14
CA TYR B 122 17.61 -1.38 -10.11
C TYR B 122 17.74 -2.35 -8.94
N GLN B 123 18.71 -2.08 -8.07
CA GLN B 123 19.11 -2.99 -7.00
C GLN B 123 18.49 -2.63 -5.66
N ALA B 124 17.62 -1.64 -5.61
CA ALA B 124 17.07 -1.15 -4.36
C ALA B 124 15.56 -1.14 -4.44
N GLU B 125 14.92 -1.26 -3.29
CA GLU B 125 13.48 -1.12 -3.21
C GLU B 125 13.06 0.33 -3.03
N ARG B 126 13.81 1.11 -2.27
CA ARG B 126 13.46 2.48 -1.97
C ARG B 126 14.45 3.38 -2.70
N ILE B 127 13.91 4.23 -3.56
CA ILE B 127 14.71 5.01 -4.49
C ILE B 127 14.24 6.45 -4.42
N PHE B 128 15.15 7.34 -4.08
CA PHE B 128 14.90 8.77 -4.14
C PHE B 128 15.65 9.34 -5.33
N CYS B 129 14.98 10.21 -6.07
CA CYS B 129 15.58 10.93 -7.18
C CYS B 129 15.55 12.43 -6.89
N THR B 131 16.44 16.08 -8.66
CA THR B 131 16.65 16.64 -9.99
C THR B 131 17.21 18.05 -9.87
N LEU B 132 18.40 18.26 -10.46
CA LEU B 132 19.10 19.53 -10.44
C LEU B 132 18.88 20.29 -11.75
N GLY B 133 18.32 21.51 -11.66
CA GLY B 133 18.11 22.39 -12.80
C GLY B 133 18.06 23.84 -12.41
N THR B 134 17.05 24.57 -12.85
CA THR B 134 16.76 25.90 -12.26
C THR B 134 16.61 25.84 -10.76
N GLY B 135 15.71 24.98 -10.28
CA GLY B 135 15.60 24.71 -8.89
C GLY B 135 15.96 23.26 -8.68
N ILE B 136 15.45 22.66 -7.61
CA ILE B 136 15.66 21.26 -7.34
C ILE B 136 14.30 20.63 -7.07
N GLY B 137 13.98 19.58 -7.81
CA GLY B 137 12.82 18.76 -7.54
C GLY B 137 13.20 17.47 -6.85
N GLY B 138 12.20 16.79 -6.29
CA GLY B 138 12.42 15.52 -5.61
C GLY B 138 11.24 14.57 -5.81
N ALA B 139 11.54 13.28 -5.77
CA ALA B 139 10.52 12.23 -5.86
C ALA B 139 11.04 10.98 -5.19
N TYR B 140 10.14 10.24 -4.56
CA TYR B 140 10.44 9.05 -3.78
C TYR B 140 9.47 7.93 -4.11
N LYS B 141 9.99 6.75 -4.44
CA LYS B 141 9.14 5.59 -4.71
C LYS B 141 9.32 4.48 -3.66
N GLY B 145 5.26 0.66 -3.64
CA GLY B 145 4.51 0.78 -4.88
C GLY B 145 4.38 2.21 -5.37
N HIS B 146 3.33 2.90 -4.97
CA HIS B 146 3.06 4.21 -5.57
C HIS B 146 3.89 5.31 -4.92
N ILE B 147 3.85 6.48 -5.54
CA ILE B 147 4.52 7.68 -5.08
C ILE B 147 3.52 8.53 -4.31
N ASP B 148 3.85 8.85 -3.06
CA ASP B 148 3.00 9.71 -2.23
C ASP B 148 3.26 11.17 -2.60
N ASN B 149 2.20 11.89 -2.98
CA ASN B 149 2.32 13.28 -3.36
C ASN B 149 2.16 14.24 -2.20
N GLY B 150 1.89 13.75 -1.00
CA GLY B 150 1.69 14.61 0.16
C GLY B 150 0.22 14.97 0.34
N GLU B 151 -0.09 15.51 1.54
CA GLU B 151 -1.48 15.80 1.87
C GLU B 151 -2.03 16.94 1.04
N LEU B 152 -1.18 17.89 0.66
CA LEU B 152 -1.58 19.02 -0.17
C LEU B 152 -0.84 18.99 -1.51
N HIS B 153 -0.45 17.80 -1.95
CA HIS B 153 0.19 17.58 -3.26
C HIS B 153 1.55 18.27 -3.36
N LYS B 154 2.22 18.51 -2.23
CA LYS B 154 3.47 19.25 -2.14
C LYS B 154 4.66 18.41 -1.64
N ALA B 155 4.51 17.09 -1.51
CA ALA B 155 5.60 16.29 -0.96
C ALA B 155 6.90 16.45 -1.76
N ASN B 156 8.03 16.38 -1.05
CA ASN B 156 9.36 16.34 -1.66
C ASN B 156 9.68 17.61 -2.45
N GLU B 157 9.24 18.76 -1.92
CA GLU B 157 9.70 20.04 -2.46
C GLU B 157 11.04 20.34 -1.81
N VAL B 158 12.03 19.49 -2.15
CA VAL B 158 13.32 19.51 -1.43
C VAL B 158 14.11 20.79 -1.68
N GLY B 159 13.82 21.53 -2.75
CA GLY B 159 14.47 22.80 -2.96
C GLY B 159 14.32 23.75 -1.79
N TYR B 160 13.23 23.61 -1.02
CA TYR B 160 13.02 24.45 0.15
C TYR B 160 13.74 23.96 1.40
N LEU B 161 14.47 22.85 1.31
CA LEU B 161 15.25 22.41 2.47
C LEU B 161 16.20 23.49 2.95
N LEU B 162 16.56 23.42 4.24
CA LEU B 162 17.77 24.07 4.75
C LEU B 162 17.78 25.56 4.47
N TYR B 163 16.71 26.25 4.85
CA TYR B 163 16.73 27.70 4.74
C TYR B 163 17.75 28.28 5.70
N ARG B 164 18.60 29.15 5.20
CA ARG B 164 19.58 29.81 6.07
C ARG B 164 19.18 31.24 6.32
N PRO B 165 18.71 31.60 7.52
CA PRO B 165 18.32 33.00 7.76
C PRO B 165 19.43 34.00 7.50
N THR B 166 20.69 33.74 7.85
CA THR B 166 21.72 34.76 7.66
C THR B 166 21.92 35.07 6.17
N GLU B 167 21.96 34.05 5.31
CA GLU B 167 22.19 34.26 3.88
C GLU B 167 20.90 34.41 3.09
N ASN B 168 19.74 34.13 3.69
CA ASN B 168 18.44 34.25 3.01
C ASN B 168 18.37 33.41 1.73
N THR B 169 18.93 32.19 1.78
CA THR B 169 18.85 31.25 0.66
C THR B 169 18.34 29.90 1.13
N THR B 170 17.60 29.24 0.24
CA THR B 170 17.17 27.86 0.39
C THR B 170 18.22 26.92 -0.22
N PHE B 171 18.03 25.62 0.01
CA PHE B 171 18.84 24.58 -0.64
C PHE B 171 18.96 24.81 -2.15
N GLU B 172 17.84 25.02 -2.85
CA GLU B 172 17.92 25.12 -4.31
C GLU B 172 18.58 26.43 -4.74
N GLN B 173 18.46 27.49 -3.95
CA GLN B 173 19.13 28.75 -4.30
C GLN B 173 20.64 28.66 -4.14
N ARG B 174 21.15 27.62 -3.47
CA ARG B 174 22.57 27.38 -3.36
C ARG B 174 23.08 26.25 -4.24
N ALA B 175 22.25 25.26 -4.54
CA ALA B 175 22.70 23.98 -5.05
C ALA B 175 22.08 23.59 -6.37
N ALA B 176 21.06 24.33 -6.84
CA ALA B 176 20.53 24.06 -8.16
C ALA B 176 21.61 24.33 -9.21
N THR B 177 21.39 23.79 -10.40
CA THR B 177 22.31 24.03 -11.51
C THR B 177 22.41 25.51 -11.82
N SER B 178 21.28 26.22 -11.80
CA SER B 178 21.31 27.66 -12.00
C SER B 178 22.16 28.35 -10.95
N ALA B 179 22.15 27.82 -9.72
CA ALA B 179 23.00 28.39 -8.68
C ALA B 179 24.46 28.06 -8.94
N LEU B 180 24.76 26.85 -9.38
CA LEU B 180 26.15 26.58 -9.71
C LEU B 180 26.65 27.50 -10.83
N LYS B 181 25.79 27.90 -11.75
CA LYS B 181 26.23 28.86 -12.76
C LYS B 181 26.65 30.19 -12.11
N LYS B 182 25.84 30.69 -11.17
CA LYS B 182 26.18 31.93 -10.48
C LYS B 182 27.45 31.79 -9.65
N ARG B 183 27.69 30.60 -9.08
CA ARG B 183 28.91 30.38 -8.33
C ARG B 183 30.13 30.26 -9.24
N ILE B 185 30.62 32.51 -12.01
CA ILE B 185 30.98 33.92 -12.18
C ILE B 185 31.60 34.45 -10.88
N ALA B 186 30.97 34.16 -9.75
CA ALA B 186 31.47 34.67 -8.49
C ALA B 186 32.82 34.05 -8.13
N GLY B 187 33.09 32.84 -8.61
CA GLY B 187 34.33 32.18 -8.26
C GLY B 187 35.48 32.48 -9.19
N GLY B 188 35.25 33.28 -10.22
CA GLY B 188 36.29 33.72 -11.11
C GLY B 188 36.46 32.90 -12.35
N PHE B 189 35.56 31.93 -12.59
CA PHE B 189 35.64 31.08 -13.77
C PHE B 189 34.95 31.76 -14.96
N THR B 190 35.69 32.66 -15.59
CA THR B 190 35.20 33.38 -16.75
C THR B 190 35.45 32.67 -18.07
N ARG B 191 36.22 31.57 -18.06
CA ARG B 191 36.61 30.89 -19.29
C ARG B 191 35.39 30.46 -20.10
N SER B 192 34.32 30.06 -19.42
CA SER B 192 33.09 29.66 -20.09
C SER B 192 31.93 29.86 -19.12
N THR B 193 30.72 29.96 -19.68
CA THR B 193 29.54 30.09 -18.85
C THR B 193 28.68 28.84 -18.84
N HIS B 194 29.02 27.82 -19.63
CA HIS B 194 28.21 26.60 -19.73
C HIS B 194 28.85 25.50 -18.90
N VAL B 195 28.03 24.86 -18.09
CA VAL B 195 28.41 23.95 -17.00
C VAL B 195 29.39 22.86 -17.43
N PRO B 196 29.21 22.18 -18.58
CA PRO B 196 30.18 21.12 -18.93
C PRO B 196 31.62 21.59 -19.07
N VAL B 197 31.85 22.84 -19.46
CA VAL B 197 33.23 23.31 -19.55
C VAL B 197 33.85 23.39 -18.15
N LEU B 198 33.05 23.73 -17.14
CA LEU B 198 33.54 23.71 -15.77
C LEU B 198 34.10 22.33 -15.41
N PHE B 199 33.33 21.28 -15.71
CA PHE B 199 33.79 19.92 -15.43
C PHE B 199 35.00 19.58 -16.29
N GLU B 200 34.99 20.01 -17.56
CA GLU B 200 36.14 19.81 -18.43
C GLU B 200 37.39 20.42 -17.84
N ALA B 201 37.28 21.65 -17.33
CA ALA B 201 38.45 22.33 -16.77
C ALA B 201 38.98 21.62 -15.54
N ALA B 202 38.10 21.16 -14.65
CA ALA B 202 38.56 20.48 -13.45
C ALA B 202 39.32 19.20 -13.79
N GLU B 203 38.86 18.47 -14.81
CA GLU B 203 39.59 17.30 -15.27
C GLU B 203 40.97 17.69 -15.80
N GLU B 204 41.10 18.88 -16.37
CA GLU B 204 42.38 19.35 -16.89
C GLU B 204 43.32 19.86 -15.80
N GLY B 205 42.87 19.92 -14.55
CA GLY B 205 43.70 20.38 -13.45
C GLY B 205 43.45 21.81 -12.99
N ASP B 206 42.49 22.51 -13.61
CA ASP B 206 42.14 23.86 -13.19
C ASP B 206 41.74 23.87 -11.71
N ASP B 207 42.61 24.43 -10.86
CA ASP B 207 42.38 24.38 -9.43
C ASP B 207 41.20 25.26 -9.03
N ILE B 208 41.00 26.38 -9.73
CA ILE B 208 39.87 27.25 -9.42
C ILE B 208 38.54 26.57 -9.76
N ALA B 209 38.48 25.91 -10.92
CA ALA B 209 37.27 25.17 -11.31
C ALA B 209 36.96 24.05 -10.32
N LYS B 210 37.99 23.36 -9.83
CA LYS B 210 37.78 22.33 -8.82
C LYS B 210 37.20 22.94 -7.55
N GLN B 211 37.68 24.12 -7.16
CA GLN B 211 37.20 24.75 -5.93
C GLN B 211 35.74 25.15 -6.06
N ILE B 212 35.34 25.71 -7.21
CA ILE B 212 33.94 26.04 -7.42
C ILE B 212 33.09 24.78 -7.26
N LEU B 213 33.52 23.68 -7.89
CA LEU B 213 32.76 22.42 -7.85
C LEU B 213 32.69 21.84 -6.44
N ASN B 214 33.80 21.86 -5.72
CA ASN B 214 33.80 21.29 -4.37
C ASN B 214 32.91 22.09 -3.43
N GLU B 215 33.00 23.43 -3.49
CA GLU B 215 32.18 24.27 -2.62
C GLU B 215 30.70 24.10 -2.94
N TRP B 216 30.36 23.96 -4.22
CA TRP B 216 28.98 23.71 -4.59
C TRP B 216 28.53 22.32 -4.16
N ALA B 217 29.35 21.31 -4.44
CA ALA B 217 29.01 19.94 -4.07
C ALA B 217 28.79 19.80 -2.57
N GLU B 218 29.55 20.53 -1.78
CA GLU B 218 29.38 20.52 -0.34
C GLU B 218 27.96 20.91 0.03
N ASP B 219 27.44 21.98 -0.59
CA ASP B 219 26.07 22.41 -0.33
C ASP B 219 25.07 21.37 -0.83
N VAL B 220 25.33 20.74 -1.99
CA VAL B 220 24.47 19.68 -2.50
C VAL B 220 24.46 18.50 -1.53
N ALA B 221 25.65 18.13 -1.03
CA ALA B 221 25.76 16.99 -0.13
C ALA B 221 24.98 17.23 1.17
N GLU B 222 24.97 18.47 1.67
CA GLU B 222 24.21 18.79 2.87
C GLU B 222 22.72 18.46 2.67
N GLY B 223 22.17 18.78 1.50
CA GLY B 223 20.77 18.49 1.25
C GLY B 223 20.48 16.99 1.13
N ILE B 224 21.37 16.26 0.47
CA ILE B 224 21.21 14.81 0.34
C ILE B 224 21.20 14.15 1.72
N ALA B 225 22.06 14.65 2.62
CA ALA B 225 22.12 14.14 3.99
C ALA B 225 20.77 14.24 4.69
N GLN B 226 20.02 15.33 4.46
CA GLN B 226 18.70 15.47 5.09
C GLN B 226 17.72 14.43 4.56
N ILE B 227 17.72 14.20 3.24
CA ILE B 227 16.85 13.19 2.66
C ILE B 227 17.25 11.79 3.14
N GLN B 228 18.56 11.53 3.26
CA GLN B 228 19.01 10.22 3.68
C GLN B 228 18.40 9.81 5.02
N VAL B 229 18.50 10.67 6.04
CA VAL B 229 18.08 10.23 7.38
C VAL B 229 16.57 10.21 7.54
N TYR B 231 14.28 9.28 4.71
CA TYR B 231 13.76 8.19 3.89
C TYR B 231 14.54 6.90 4.09
N ASP B 232 15.81 6.99 4.49
CA ASP B 232 16.71 5.85 4.54
C ASP B 232 16.59 5.05 3.25
N PRO B 233 16.80 5.68 2.09
CA PRO B 233 16.54 4.98 0.82
C PRO B 233 17.63 3.96 0.53
N GLY B 234 17.29 3.00 -0.34
CA GLY B 234 18.31 2.08 -0.82
C GLY B 234 19.13 2.63 -1.97
N LEU B 235 18.66 3.69 -2.62
CA LEU B 235 19.38 4.27 -3.74
C LEU B 235 18.89 5.71 -3.91
N ILE B 236 19.84 6.60 -4.16
CA ILE B 236 19.58 8.01 -4.44
C ILE B 236 20.07 8.26 -5.86
N LEU B 237 19.16 8.63 -6.75
CA LEU B 237 19.45 9.03 -8.11
C LEU B 237 19.56 10.56 -8.19
N ILE B 238 20.52 11.05 -8.97
CA ILE B 238 20.63 12.47 -9.31
C ILE B 238 20.20 12.61 -10.76
N GLY B 239 19.18 13.44 -11.00
CA GLY B 239 18.68 13.68 -12.34
C GLY B 239 18.89 15.12 -12.76
N GLY B 240 18.34 15.43 -13.93
CA GLY B 240 18.48 16.76 -14.49
C GLY B 240 19.61 16.81 -15.50
N GLY B 241 19.63 17.91 -16.26
CA GLY B 241 20.60 18.05 -17.34
C GLY B 241 22.03 17.77 -16.89
N ILE B 242 22.42 18.33 -15.74
CA ILE B 242 23.79 18.20 -15.26
C ILE B 242 24.18 16.75 -14.97
N SER B 243 23.21 15.83 -14.84
CA SER B 243 23.57 14.45 -14.55
C SER B 243 24.25 13.76 -15.72
N GLU B 244 24.26 14.37 -16.90
CA GLU B 244 25.04 13.88 -18.03
C GLU B 244 26.53 13.71 -17.67
N GLN B 245 27.00 14.35 -16.60
CA GLN B 245 28.40 14.23 -16.17
C GLN B 245 28.72 12.89 -15.49
N GLY B 246 27.72 12.06 -15.20
CA GLY B 246 27.97 10.71 -14.71
C GLY B 246 28.79 10.67 -13.43
N ASP B 247 29.79 9.76 -13.40
CA ASP B 247 30.62 9.61 -12.21
C ASP B 247 31.35 10.90 -11.87
N ASN B 248 31.64 11.73 -12.86
CA ASN B 248 32.32 12.99 -12.63
C ASN B 248 31.46 13.97 -11.85
N LEU B 249 30.14 13.79 -11.85
CA LEU B 249 29.29 14.54 -10.92
C LEU B 249 29.31 13.90 -9.54
N ILE B 250 29.13 12.58 -9.48
CA ILE B 250 29.00 11.87 -8.21
C ILE B 250 30.27 11.99 -7.38
N LYS B 251 31.44 11.95 -8.02
CA LYS B 251 32.69 11.90 -7.29
C LYS B 251 32.92 13.16 -6.45
N TYR B 252 32.31 14.29 -6.84
CA TYR B 252 32.40 15.50 -6.02
C TYR B 252 31.39 15.48 -4.88
N ILE B 253 30.23 14.85 -5.09
CA ILE B 253 29.12 14.91 -4.14
C ILE B 253 29.17 13.77 -3.14
N GLU B 254 29.30 12.52 -3.60
CA GLU B 254 29.12 11.35 -2.74
C GLU B 254 29.97 11.35 -1.47
N PRO B 255 31.29 11.60 -1.52
CA PRO B 255 32.07 11.56 -0.27
C PRO B 255 31.69 12.67 0.71
N LYS B 256 31.14 13.79 0.25
CA LYS B 256 30.87 14.90 1.15
C LYS B 256 29.61 14.69 2.00
N VAL B 257 28.69 13.83 1.55
CA VAL B 257 27.51 13.53 2.34
C VAL B 257 27.91 13.08 3.74
N ALA B 258 29.02 12.37 3.86
CA ALA B 258 29.44 11.89 5.18
C ALA B 258 29.65 13.03 6.16
N HIS B 259 30.00 14.22 5.66
CA HIS B 259 30.26 15.37 6.53
C HIS B 259 29.04 15.81 7.33
N TYR B 260 27.82 15.49 6.89
CA TYR B 260 26.61 15.96 7.56
C TYR B 260 25.86 14.84 8.26
N LEU B 261 26.49 13.68 8.42
CA LEU B 261 25.91 12.48 9.00
C LEU B 261 26.73 12.05 10.19
N PRO B 262 26.16 11.28 11.11
CA PRO B 262 26.92 10.85 12.27
C PRO B 262 28.12 10.01 11.84
N LYS B 263 29.10 9.93 12.73
CA LYS B 263 30.33 9.22 12.43
C LYS B 263 30.02 7.76 12.03
N ASP B 264 30.55 7.30 10.89
CA ASP B 264 30.39 5.92 10.38
C ASP B 264 28.95 5.56 10.02
N TYR B 265 28.08 6.55 9.80
CA TYR B 265 26.73 6.31 9.29
C TYR B 265 26.81 5.76 7.87
N VAL B 266 26.12 4.66 7.61
CA VAL B 266 26.13 4.02 6.29
C VAL B 266 24.99 4.60 5.48
N TYR B 267 25.32 5.34 4.42
CA TYR B 267 24.29 5.96 3.58
C TYR B 267 24.26 5.36 2.18
N ALA B 268 23.17 5.65 1.48
CA ALA B 268 22.80 4.99 0.24
C ALA B 268 23.83 5.25 -0.85
N PRO B 269 24.00 4.29 -1.75
CA PRO B 269 24.71 4.58 -3.00
C PRO B 269 24.02 5.69 -3.77
N ILE B 270 24.83 6.46 -4.51
CA ILE B 270 24.35 7.61 -5.27
C ILE B 270 24.75 7.42 -6.72
N GLN B 271 23.78 7.54 -7.63
CA GLN B 271 24.00 7.34 -9.06
C GLN B 271 23.28 8.42 -9.86
N THR B 272 23.65 8.57 -11.13
CA THR B 272 22.94 9.45 -12.03
C THR B 272 21.84 8.68 -12.73
N THR B 273 20.76 9.37 -13.10
CA THR B 273 19.67 8.73 -13.83
C THR B 273 20.18 8.19 -15.17
N LYS B 274 19.54 7.12 -15.64
CA LYS B 274 20.02 6.38 -16.82
C LYS B 274 19.34 6.82 -18.11
N SER B 275 18.07 7.16 -18.06
CA SER B 275 17.33 7.57 -19.25
C SER B 275 17.35 9.09 -19.33
N LYS B 276 17.94 9.61 -20.39
CA LYS B 276 18.21 11.03 -20.48
C LYS B 276 17.09 11.80 -21.17
N ASN B 277 16.29 11.12 -22.00
CA ASN B 277 15.32 11.83 -22.82
C ASN B 277 13.88 11.38 -22.62
N ASP B 278 13.62 10.08 -22.53
CA ASP B 278 12.25 9.60 -22.65
C ASP B 278 11.50 9.47 -21.33
N ALA B 279 12.16 9.65 -20.19
CA ALA B 279 11.63 9.13 -18.93
C ALA B 279 10.22 9.64 -18.65
N ALA B 280 10.02 10.95 -18.71
CA ALA B 280 8.73 11.53 -18.33
C ALA B 280 7.61 11.18 -19.31
N LEU B 281 7.92 10.98 -20.59
CA LEU B 281 6.89 10.56 -21.53
C LEU B 281 6.32 9.21 -21.12
N TYR B 282 7.19 8.27 -20.77
CA TYR B 282 6.74 6.96 -20.28
C TYR B 282 6.04 7.10 -18.93
N GLY B 283 6.61 7.90 -18.04
CA GLY B 283 6.08 7.99 -16.69
C GLY B 283 4.69 8.61 -16.62
N CYS B 284 4.39 9.55 -17.51
CA CYS B 284 3.10 10.21 -17.41
C CYS B 284 1.94 9.26 -17.71
N LEU B 285 2.21 8.10 -18.30
CA LEU B 285 1.20 7.07 -18.52
C LEU B 285 1.03 6.14 -17.32
N GLN B 286 1.90 6.26 -16.31
CA GLN B 286 1.92 5.38 -15.15
C GLN B 286 1.23 6.03 -13.95
N TYR C 2 -7.09 -12.84 23.91
CA TYR C 2 -6.17 -12.12 24.77
C TYR C 2 -4.82 -12.00 24.08
N TYR C 3 -4.28 -10.78 24.06
CA TYR C 3 -3.00 -10.46 23.42
C TYR C 3 -2.00 -10.01 24.47
N ILE C 4 -0.75 -10.44 24.32
CA ILE C 4 0.31 -10.04 25.24
C ILE C 4 1.09 -8.91 24.60
N ALA C 5 1.18 -7.78 25.29
CA ALA C 5 1.89 -6.60 24.81
C ALA C 5 3.01 -6.28 25.78
N ILE C 6 4.21 -6.05 25.25
CA ILE C 6 5.40 -5.74 26.03
C ILE C 6 6.10 -4.54 25.39
N ASP C 7 6.42 -3.54 26.21
CA ASP C 7 7.10 -2.32 25.76
C ASP C 7 8.44 -2.18 26.48
N ILE C 8 9.54 -2.44 25.76
CA ILE C 8 10.88 -2.45 26.35
C ILE C 8 11.51 -1.06 26.20
N GLY C 9 11.73 -0.38 27.32
CA GLY C 9 12.34 0.92 27.33
C GLY C 9 13.74 0.89 27.95
N GLY C 10 14.41 2.03 27.85
CA GLY C 10 15.73 2.16 28.44
C GLY C 10 15.73 1.96 29.94
N THR C 11 14.70 2.50 30.62
CA THR C 11 14.60 2.38 32.07
C THR C 11 13.55 1.35 32.52
N GLN C 12 12.41 1.25 31.84
CA GLN C 12 11.34 0.35 32.27
C GLN C 12 10.96 -0.62 31.17
N ILE C 13 10.43 -1.77 31.60
CA ILE C 13 9.75 -2.72 30.73
C ILE C 13 8.29 -2.77 31.16
N LYS C 14 7.39 -2.26 30.33
CA LYS C 14 5.96 -2.32 30.59
C LYS C 14 5.34 -3.51 29.86
N SER C 15 4.23 -4.03 30.42
CA SER C 15 3.51 -5.12 29.79
C SER C 15 2.04 -5.10 30.21
N ALA C 16 1.21 -5.74 29.40
CA ALA C 16 -0.22 -5.84 29.68
C ALA C 16 -0.86 -6.90 28.80
N VAL C 17 -2.05 -7.32 29.19
CA VAL C 17 -2.91 -8.18 28.38
C VAL C 17 -4.05 -7.33 27.85
N ILE C 18 -4.31 -7.42 26.56
CA ILE C 18 -5.32 -6.65 25.87
C ILE C 18 -6.27 -7.63 25.18
N ASP C 19 -7.57 -7.32 25.20
CA ASP C 19 -8.59 -8.20 24.65
C ASP C 19 -9.17 -7.64 23.34
N LYS C 20 -10.18 -8.35 22.81
CA LYS C 20 -10.73 -8.00 21.52
C LYS C 20 -11.29 -6.59 21.49
N GLN C 21 -11.82 -6.10 22.62
CA GLN C 21 -12.42 -4.78 22.64
C GLN C 21 -11.49 -3.71 23.20
N LEU C 22 -10.18 -3.98 23.20
CA LEU C 22 -9.14 -3.04 23.57
C LEU C 22 -9.17 -2.72 25.06
N ASN C 23 -9.81 -3.54 25.87
CA ASN C 23 -9.61 -3.44 27.30
C ASN C 23 -8.20 -3.90 27.67
N PHE C 25 -5.70 -5.36 30.69
CA PHE C 25 -5.70 -6.08 31.95
C PHE C 25 -4.27 -6.34 32.41
N ASP C 26 -4.10 -6.42 33.72
CA ASP C 26 -2.87 -6.89 34.34
C ASP C 26 -1.65 -6.11 33.86
N TYR C 27 -1.78 -4.79 33.86
CA TYR C 27 -0.63 -3.94 33.56
C TYR C 27 0.47 -4.17 34.58
N GLN C 28 1.69 -4.37 34.10
CA GLN C 28 2.85 -4.55 34.96
C GLN C 28 3.94 -3.61 34.50
N GLN C 29 4.89 -3.35 35.39
CA GLN C 29 5.95 -2.38 35.12
C GLN C 29 7.17 -2.74 35.97
N ILE C 30 8.19 -3.33 35.36
CA ILE C 30 9.44 -3.69 36.02
C ILE C 30 10.56 -2.80 35.48
N SER C 31 11.65 -2.74 36.23
CA SER C 31 12.84 -2.04 35.77
C SER C 31 13.53 -2.83 34.68
N THR C 32 14.10 -2.13 33.71
CA THR C 32 14.86 -2.80 32.66
C THR C 32 16.18 -3.28 33.24
N PRO C 33 16.53 -4.55 33.09
CA PRO C 33 17.79 -5.05 33.66
C PRO C 33 18.99 -4.38 33.00
N ASP C 34 20.16 -4.63 33.57
CA ASP C 34 21.39 -4.12 32.98
C ASP C 34 21.82 -4.88 31.75
N ASN C 35 21.17 -6.00 31.45
CA ASN C 35 21.54 -6.87 30.32
C ASN C 35 22.99 -7.33 30.47
N LYS C 36 23.41 -7.50 31.72
CA LYS C 36 24.72 -8.03 32.07
C LYS C 36 24.55 -9.19 33.05
N SER C 37 24.14 -8.86 34.29
CA SER C 37 23.91 -9.88 35.31
C SER C 37 22.62 -10.64 35.06
N GLU C 38 21.54 -9.91 34.76
CA GLU C 38 20.26 -10.51 34.41
C GLU C 38 19.85 -9.97 33.06
N LEU C 39 19.36 -10.85 32.20
CA LEU C 39 19.19 -10.54 30.79
C LEU C 39 17.77 -10.04 30.53
N ILE C 40 17.67 -9.08 29.60
CA ILE C 40 16.38 -8.60 29.12
C ILE C 40 15.56 -9.73 28.53
N THR C 41 16.22 -10.59 27.74
CA THR C 41 15.51 -11.69 27.09
C THR C 41 14.87 -12.64 28.09
N ASP C 42 15.51 -12.85 29.25
CA ASP C 42 14.92 -13.71 30.27
C ASP C 42 13.71 -13.04 30.93
N LYS C 43 13.81 -11.74 31.23
CA LYS C 43 12.65 -11.04 31.77
C LYS C 43 11.47 -11.08 30.81
N VAL C 44 11.72 -10.88 29.50
CA VAL C 44 10.64 -10.91 28.51
C VAL C 44 10.01 -12.30 28.49
N TYR C 45 10.85 -13.33 28.47
CA TYR C 45 10.35 -14.70 28.52
C TYR C 45 9.53 -14.92 29.79
N GLU C 46 10.05 -14.46 30.93
CA GLU C 46 9.33 -14.61 32.19
C GLU C 46 7.95 -13.96 32.12
N ILE C 47 7.86 -12.77 31.54
CA ILE C 47 6.59 -12.07 31.43
C ILE C 47 5.63 -12.88 30.56
N VAL C 48 6.11 -13.43 29.45
CA VAL C 48 5.22 -14.13 28.54
C VAL C 48 4.70 -15.40 29.17
N THR C 49 5.57 -16.18 29.81
CA THR C 49 5.11 -17.38 30.51
C THR C 49 4.23 -17.00 31.69
N GLY C 50 4.50 -15.85 32.32
CA GLY C 50 3.62 -15.39 33.39
C GLY C 50 2.19 -15.19 32.91
N TYR C 51 1.99 -14.39 31.86
CA TYR C 51 0.65 -14.18 31.32
C TYR C 51 0.07 -15.47 30.77
N LYS C 53 0.55 -18.60 31.71
CA LYS C 53 0.05 -19.39 32.82
C LYS C 53 -1.20 -18.75 33.41
N GLN C 54 -1.15 -17.45 33.64
CA GLN C 54 -2.27 -16.78 34.31
C GLN C 54 -3.54 -16.81 33.49
N TYR C 55 -3.42 -16.81 32.16
CA TYR C 55 -4.58 -16.73 31.27
C TYR C 55 -4.84 -18.00 30.48
N GLN C 56 -4.10 -19.08 30.76
CA GLN C 56 -4.21 -20.33 30.03
C GLN C 56 -4.23 -20.08 28.52
N LEU C 57 -3.18 -19.43 28.05
CA LEU C 57 -3.02 -19.10 26.64
C LEU C 57 -2.06 -20.09 26.01
N ILE C 58 -2.42 -20.55 24.81
CA ILE C 58 -1.62 -21.48 24.02
C ILE C 58 -1.32 -20.79 22.72
N GLN C 59 -0.03 -20.64 22.41
CA GLN C 59 0.43 -19.88 21.26
C GLN C 59 -0.19 -18.47 21.24
N PRO C 60 0.03 -17.66 22.28
CA PRO C 60 -0.60 -16.35 22.30
C PRO C 60 0.01 -15.47 21.24
N VAL C 61 -0.78 -14.51 20.77
CA VAL C 61 -0.24 -13.44 19.93
C VAL C 61 0.54 -12.51 20.86
N ILE C 62 1.82 -12.29 20.55
CA ILE C 62 2.71 -11.49 21.40
C ILE C 62 3.23 -10.32 20.59
N GLY C 63 3.09 -9.13 21.13
CA GLY C 63 3.60 -7.92 20.51
C GLY C 63 4.67 -7.30 21.39
N ILE C 64 5.77 -6.90 20.76
CA ILE C 64 6.93 -6.36 21.45
C ILE C 64 7.32 -5.06 20.78
N SER C 65 7.38 -4.00 21.58
CA SER C 65 7.90 -2.71 21.18
C SER C 65 9.24 -2.52 21.88
N SER C 66 10.23 -2.00 21.17
CA SER C 66 11.56 -1.87 21.75
C SER C 66 12.28 -0.63 21.24
N ALA C 67 13.04 0.01 22.13
CA ALA C 67 14.02 1.02 21.76
C ALA C 67 15.11 0.38 20.90
N GLY C 68 15.90 1.23 20.23
CA GLY C 68 16.91 0.76 19.30
C GLY C 68 16.37 0.70 17.88
N VAL C 69 17.23 0.24 16.97
CA VAL C 69 16.86 0.05 15.56
C VAL C 69 16.41 -1.39 15.37
N VAL C 70 15.20 -1.57 14.84
CA VAL C 70 14.54 -2.87 14.78
C VAL C 70 14.31 -3.28 13.33
N ASP C 71 14.71 -4.50 12.99
CA ASP C 71 14.30 -5.15 11.76
C ASP C 71 13.00 -5.88 12.08
N GLU C 72 11.86 -5.31 11.65
CA GLU C 72 10.55 -5.81 12.05
C GLU C 72 10.31 -7.22 11.55
N GLN C 73 10.92 -7.56 10.41
CA GLN C 73 10.60 -8.81 9.75
C GLN C 73 11.36 -9.97 10.39
N LYS C 74 12.65 -9.77 10.71
CA LYS C 74 13.34 -10.73 11.56
C LYS C 74 12.90 -10.63 13.01
N GLY C 75 12.34 -9.51 13.42
CA GLY C 75 12.06 -9.33 14.83
C GLY C 75 13.31 -9.22 15.68
N GLU C 76 14.31 -8.46 15.21
CA GLU C 76 15.66 -8.46 15.75
C GLU C 76 16.16 -7.03 15.94
N ILE C 77 16.95 -6.84 16.99
CA ILE C 77 17.61 -5.56 17.24
C ILE C 77 18.83 -5.45 16.33
N VAL C 78 18.79 -4.54 15.36
CA VAL C 78 19.93 -4.35 14.47
C VAL C 78 21.03 -3.54 15.15
N TYR C 79 20.66 -2.58 15.98
CA TYR C 79 21.63 -1.72 16.66
C TYR C 79 20.96 -1.14 17.90
N ALA C 80 21.76 -0.97 18.96
CA ALA C 80 21.28 -0.28 20.15
C ALA C 80 22.38 0.64 20.68
N GLY C 81 21.97 1.78 21.23
CA GLY C 81 22.89 2.70 21.83
C GLY C 81 23.51 2.14 23.09
N PRO C 82 24.48 2.85 23.67
CA PRO C 82 25.12 2.36 24.90
C PRO C 82 24.16 2.27 26.06
N THR C 83 23.04 3.00 25.99
CA THR C 83 21.94 2.95 26.94
C THR C 83 21.57 1.53 27.33
N ILE C 84 21.54 0.62 26.36
CA ILE C 84 21.24 -0.79 26.59
C ILE C 84 22.41 -1.61 26.05
N PRO C 85 23.28 -2.11 26.93
CA PRO C 85 24.47 -2.83 26.45
C PRO C 85 24.13 -4.21 25.92
N ASN C 86 24.95 -4.66 24.96
CA ASN C 86 24.90 -6.01 24.39
C ASN C 86 23.56 -6.33 23.72
N TYR C 87 22.81 -5.30 23.36
CA TYR C 87 21.44 -5.51 22.90
C TYR C 87 21.41 -5.95 21.44
N LYS C 88 22.44 -5.58 20.66
CA LYS C 88 22.46 -5.86 19.24
C LYS C 88 22.40 -7.35 18.98
N GLY C 89 21.54 -7.77 18.06
CA GLY C 89 21.35 -9.16 17.77
C GLY C 89 20.24 -9.85 18.53
N THR C 90 19.65 -9.21 19.53
CA THR C 90 18.52 -9.82 20.24
C THR C 90 17.36 -10.09 19.29
N ASN C 91 16.99 -11.37 19.15
CA ASN C 91 15.91 -11.76 18.24
C ASN C 91 14.77 -12.34 19.07
N PHE C 92 13.72 -11.55 19.26
CA PHE C 92 12.59 -11.95 20.08
C PHE C 92 11.78 -13.06 19.44
N LYS C 93 11.79 -13.16 18.10
CA LYS C 93 11.12 -14.28 17.43
C LYS C 93 11.76 -15.60 17.80
N ARG C 94 13.11 -15.67 17.83
CA ARG C 94 13.76 -16.88 18.33
C ARG C 94 13.46 -17.10 19.79
N LEU C 95 13.49 -16.03 20.56
CA LEU C 95 13.44 -16.18 22.00
C LEU C 95 12.15 -16.86 22.41
N LEU C 96 11.06 -16.52 21.76
CA LEU C 96 9.74 -17.02 22.14
C LEU C 96 9.25 -18.12 21.21
N LYS C 97 10.10 -18.63 20.31
CA LYS C 97 9.67 -19.66 19.36
C LYS C 97 9.09 -20.89 20.06
N SER C 98 9.60 -21.24 21.25
CA SER C 98 9.05 -22.37 21.95
C SER C 98 7.68 -22.07 22.55
N LEU C 99 7.35 -20.80 22.73
CA LEU C 99 6.06 -20.42 23.31
C LEU C 99 5.00 -20.10 22.27
N SER C 100 5.34 -19.36 21.22
CA SER C 100 4.33 -18.97 20.24
C SER C 100 5.02 -18.64 18.94
N PRO C 101 4.42 -18.97 17.79
CA PRO C 101 4.93 -18.50 16.50
C PRO C 101 4.35 -17.17 16.06
N TYR C 102 3.51 -16.55 16.89
CA TYR C 102 2.83 -15.32 16.52
C TYR C 102 3.42 -14.18 17.35
N VAL C 103 4.65 -13.79 17.00
CA VAL C 103 5.35 -12.72 17.68
C VAL C 103 5.65 -11.64 16.64
N LYS C 104 5.29 -10.39 16.98
CA LYS C 104 5.58 -9.19 16.20
C LYS C 104 6.50 -8.28 17.01
N VAL C 105 7.43 -7.62 16.34
CA VAL C 105 8.42 -6.75 16.96
C VAL C 105 8.48 -5.44 16.19
N LYS C 106 8.46 -4.31 16.92
CA LYS C 106 8.47 -2.99 16.32
C LYS C 106 9.38 -2.10 17.12
N ASN C 107 9.95 -1.07 16.48
CA ASN C 107 10.66 -0.09 17.30
C ASN C 107 9.66 0.76 18.07
N ASP C 108 10.14 1.40 19.13
CA ASP C 108 9.23 2.02 20.10
C ASP C 108 8.46 3.21 19.52
N VAL C 109 9.09 4.05 18.69
CA VAL C 109 8.37 5.22 18.18
C VAL C 109 7.27 4.80 17.20
N ASN C 110 7.55 3.79 16.36
CA ASN C 110 6.54 3.31 15.42
C ASN C 110 5.36 2.72 16.17
N ALA C 111 5.65 1.94 17.22
CA ALA C 111 4.58 1.39 18.03
C ALA C 111 3.75 2.49 18.68
N ALA C 112 4.42 3.50 19.26
CA ALA C 112 3.66 4.59 19.90
C ALA C 112 2.75 5.27 18.89
N LEU C 113 3.26 5.53 17.68
CA LEU C 113 2.43 6.20 16.69
C LEU C 113 1.24 5.33 16.29
N LEU C 114 1.48 4.03 16.06
CA LEU C 114 0.41 3.11 15.71
C LEU C 114 -0.65 3.06 16.80
N GLY C 115 -0.21 3.04 18.06
CA GLY C 115 -1.15 3.03 19.18
C GLY C 115 -1.93 4.32 19.29
N GLU C 116 -1.22 5.45 19.25
CA GLU C 116 -1.84 6.77 19.21
C GLU C 116 -2.93 6.84 18.15
N LEU C 117 -2.65 6.28 16.97
CA LEU C 117 -3.57 6.39 15.83
C LEU C 117 -4.73 5.41 15.92
N LYS C 118 -4.53 4.22 16.51
CA LYS C 118 -5.66 3.30 16.67
C LYS C 118 -6.66 3.84 17.70
N LEU C 119 -6.15 4.44 18.77
CA LEU C 119 -7.00 4.83 19.89
C LEU C 119 -7.71 6.15 19.68
N HIS C 120 -7.45 6.85 18.58
CA HIS C 120 -8.01 8.18 18.41
C HIS C 120 -8.48 8.36 16.99
N GLN C 121 -9.35 9.35 16.81
CA GLN C 121 -9.80 9.77 15.50
C GLN C 121 -9.07 11.06 15.16
N TYR C 122 -8.38 11.09 14.03
CA TYR C 122 -7.68 12.28 13.59
C TYR C 122 -8.26 12.76 12.28
N GLN C 123 -7.88 13.97 11.87
CA GLN C 123 -8.47 14.63 10.72
C GLN C 123 -7.60 14.55 9.48
N ALA C 124 -6.52 13.78 9.57
CA ALA C 124 -5.51 13.70 8.53
C ALA C 124 -5.22 12.25 8.19
N GLU C 125 -4.74 12.13 6.98
CA GLU C 125 -4.28 11.04 6.15
C GLU C 125 -2.82 10.68 6.41
N ARG C 126 -1.94 11.68 6.42
CA ARG C 126 -0.50 11.53 6.65
C ARG C 126 -0.14 12.19 7.96
N ILE C 127 0.43 11.43 8.90
CA ILE C 127 0.69 11.94 10.23
C ILE C 127 2.12 11.61 10.59
N PHE C 128 2.89 12.64 10.92
CA PHE C 128 4.25 12.50 11.42
C PHE C 128 4.26 12.79 12.91
N CYS C 129 5.00 11.99 13.66
CA CYS C 129 5.15 12.22 15.08
C CYS C 129 6.61 12.42 15.41
N THR C 131 9.09 12.81 18.58
CA THR C 131 9.10 12.52 20.01
C THR C 131 10.30 13.21 20.64
N LEU C 132 10.04 14.09 21.61
CA LEU C 132 11.07 14.86 22.28
C LEU C 132 11.43 14.19 23.60
N GLY C 133 12.70 13.82 23.77
CA GLY C 133 13.15 13.23 25.01
C GLY C 133 14.62 13.47 25.27
N THR C 134 15.34 12.40 25.66
CA THR C 134 16.80 12.45 25.68
C THR C 134 17.35 12.79 24.30
N GLY C 135 16.84 12.09 23.28
CA GLY C 135 17.03 12.45 21.90
C GLY C 135 15.73 12.87 21.26
N ILE C 136 15.68 12.77 19.94
CA ILE C 136 14.46 13.03 19.19
C ILE C 136 14.20 11.83 18.28
N GLY C 137 13.03 11.20 18.43
CA GLY C 137 12.62 10.13 17.55
C GLY C 137 11.61 10.62 16.54
N GLY C 138 11.40 9.84 15.49
CA GLY C 138 10.43 10.21 14.46
C GLY C 138 9.76 8.98 13.88
N ALA C 139 8.53 9.17 13.43
CA ALA C 139 7.77 8.10 12.81
C ALA C 139 6.73 8.72 11.89
N TYR C 140 6.45 8.06 10.78
CA TYR C 140 5.54 8.60 9.77
C TYR C 140 4.56 7.52 9.35
N LYS C 141 3.27 7.85 9.42
CA LYS C 141 2.21 6.94 9.02
C LYS C 141 1.71 7.45 7.70
N ASN C 142 1.94 6.66 6.66
CA ASN C 142 1.83 7.03 5.27
C ASN C 142 0.37 7.19 4.86
N ASN C 143 0.20 7.83 3.70
CA ASN C 143 -1.10 7.93 3.04
C ASN C 143 -1.79 6.57 2.94
N GLN C 144 -1.06 5.53 2.57
CA GLN C 144 -1.65 4.21 2.31
C GLN C 144 -1.42 3.27 3.49
N GLY C 145 -1.68 3.73 4.71
CA GLY C 145 -1.76 2.87 5.86
C GLY C 145 -0.51 2.50 6.64
N HIS C 146 0.57 2.15 5.96
CA HIS C 146 1.71 1.52 6.62
C HIS C 146 2.83 2.51 6.96
N ILE C 147 3.74 2.04 7.79
CA ILE C 147 4.94 2.79 8.18
C ILE C 147 6.13 2.17 7.46
N ASP C 148 6.80 2.96 6.63
CA ASP C 148 8.01 2.52 5.95
C ASP C 148 9.20 2.73 6.90
N ASN C 149 9.93 1.65 7.19
CA ASN C 149 11.07 1.71 8.10
C ASN C 149 12.40 2.01 7.40
N GLY C 150 12.43 2.18 6.08
CA GLY C 150 13.68 2.44 5.40
C GLY C 150 14.36 1.16 4.94
N GLU C 151 15.31 1.33 4.00
CA GLU C 151 16.02 0.19 3.43
C GLU C 151 16.90 -0.51 4.46
N LEU C 152 17.41 0.22 5.44
CA LEU C 152 18.21 -0.35 6.51
C LEU C 152 17.55 -0.18 7.87
N HIS C 153 16.22 -0.04 7.90
CA HIS C 153 15.47 0.09 9.15
C HIS C 153 15.79 1.38 9.91
N LYS C 154 16.40 2.36 9.23
CA LYS C 154 16.82 3.61 9.84
C LYS C 154 15.97 4.81 9.41
N ALA C 155 14.76 4.59 8.88
CA ALA C 155 13.95 5.72 8.43
C ALA C 155 13.57 6.62 9.62
N ASN C 156 13.45 7.91 9.32
CA ASN C 156 12.92 8.94 10.23
C ASN C 156 13.78 9.12 11.49
N GLU C 157 15.10 9.07 11.30
CA GLU C 157 16.04 9.41 12.37
C GLU C 157 16.23 10.93 12.38
N VAL C 158 15.14 11.64 12.75
CA VAL C 158 15.10 13.10 12.64
C VAL C 158 16.12 13.76 13.53
N GLY C 159 16.56 13.08 14.60
CA GLY C 159 17.57 13.65 15.48
C GLY C 159 18.84 14.03 14.76
N TYR C 160 19.17 13.36 13.65
CA TYR C 160 20.37 13.62 12.89
C TYR C 160 20.23 14.73 11.84
N LEU C 161 19.04 15.30 11.68
CA LEU C 161 18.87 16.42 10.75
C LEU C 161 19.79 17.59 11.13
N LEU C 162 20.06 18.45 10.15
CA LEU C 162 20.57 19.82 10.39
C LEU C 162 21.87 19.83 11.20
N TYR C 163 22.82 19.00 10.79
CA TYR C 163 24.13 19.07 11.42
C TYR C 163 24.78 20.40 11.07
N ARG C 164 25.20 21.15 12.09
CA ARG C 164 25.84 22.44 11.93
C ARG C 164 27.33 22.27 12.12
N PRO C 165 28.14 22.31 11.05
CA PRO C 165 29.58 22.06 11.22
C PRO C 165 30.30 22.99 12.19
N THR C 166 29.94 24.29 12.20
CA THR C 166 30.64 25.25 13.06
C THR C 166 30.41 24.95 14.53
N GLU C 167 29.19 24.54 14.89
CA GLU C 167 28.81 24.28 16.28
C GLU C 167 28.94 22.81 16.68
N ASN C 168 29.16 21.91 15.71
CA ASN C 168 29.25 20.48 15.96
C ASN C 168 28.00 19.91 16.64
N THR C 169 26.80 20.35 16.19
CA THR C 169 25.56 19.81 16.73
C THR C 169 24.62 19.32 15.64
N THR C 170 23.86 18.27 15.99
CA THR C 170 22.72 17.78 15.25
C THR C 170 21.43 18.45 15.77
N PHE C 171 20.34 18.26 15.03
CA PHE C 171 19.03 18.71 15.48
C PHE C 171 18.74 18.26 16.93
N GLU C 172 18.91 16.97 17.23
CA GLU C 172 18.53 16.53 18.57
C GLU C 172 19.45 17.06 19.65
N GLN C 173 20.71 17.41 19.30
CA GLN C 173 21.60 18.00 20.30
C GLN C 173 21.22 19.42 20.64
N ARG C 174 20.40 20.07 19.82
CA ARG C 174 19.91 21.42 20.09
C ARG C 174 18.47 21.44 20.57
N ALA C 175 17.66 20.47 20.15
CA ALA C 175 16.22 20.61 20.26
C ALA C 175 15.57 19.53 21.12
N ALA C 176 16.30 18.50 21.53
CA ALA C 176 15.73 17.53 22.45
C ALA C 176 15.37 18.17 23.78
N THR C 177 14.54 17.48 24.54
CA THR C 177 14.25 17.93 25.89
C THR C 177 15.53 18.02 26.73
N SER C 178 16.46 17.05 26.61
CA SER C 178 17.74 17.17 27.33
C SER C 178 18.51 18.43 26.93
N ALA C 179 18.38 18.86 25.68
CA ALA C 179 19.06 20.08 25.27
C ALA C 179 18.43 21.31 25.91
N LEU C 180 17.10 21.29 26.07
CA LEU C 180 16.40 22.41 26.71
C LEU C 180 16.85 22.55 28.15
N LYS C 181 17.06 21.42 28.82
CA LYS C 181 17.57 21.44 30.19
C LYS C 181 18.95 22.06 30.29
N LYS C 182 19.84 21.72 29.38
CA LYS C 182 21.14 22.38 29.37
C LYS C 182 21.03 23.86 29.02
N ARG C 183 20.09 24.22 28.13
CA ARG C 183 19.91 25.62 27.75
C ARG C 183 19.27 26.44 28.87
N ILE C 185 20.00 26.13 32.12
CA ILE C 185 21.11 26.49 32.99
C ILE C 185 21.94 27.59 32.34
N ALA C 186 22.24 27.43 31.04
CA ALA C 186 23.11 28.39 30.38
C ALA C 186 22.46 29.77 30.28
N GLY C 187 21.14 29.84 30.27
CA GLY C 187 20.43 31.09 30.17
C GLY C 187 20.07 31.73 31.47
N GLY C 188 20.42 31.11 32.59
CA GLY C 188 20.20 31.70 33.89
C GLY C 188 18.94 31.24 34.60
N PHE C 189 18.22 30.26 34.05
CA PHE C 189 17.07 29.69 34.75
C PHE C 189 17.56 28.60 35.68
N THR C 190 17.95 28.98 36.89
CA THR C 190 18.40 28.04 37.91
C THR C 190 17.31 27.71 38.94
N ARG C 191 16.14 28.37 38.86
CA ARG C 191 15.02 28.13 39.77
C ARG C 191 14.75 26.65 39.97
N SER C 192 14.79 25.87 38.90
CA SER C 192 14.50 24.46 38.98
C SER C 192 15.02 23.79 37.72
N THR C 193 15.44 22.53 37.84
CA THR C 193 15.78 21.76 36.66
C THR C 193 14.56 21.03 36.10
N HIS C 194 13.42 21.11 36.78
CA HIS C 194 12.17 20.44 36.38
C HIS C 194 11.52 21.21 35.22
N VAL C 195 11.50 20.62 34.02
CA VAL C 195 11.04 21.30 32.80
C VAL C 195 9.67 21.96 32.95
N PRO C 196 8.68 21.34 33.60
CA PRO C 196 7.39 22.05 33.77
C PRO C 196 7.50 23.35 34.55
N VAL C 197 8.49 23.50 35.46
CA VAL C 197 8.64 24.76 36.17
C VAL C 197 9.05 25.87 35.21
N LEU C 198 9.86 25.54 34.19
CA LEU C 198 10.17 26.52 33.15
C LEU C 198 8.90 27.04 32.47
N PHE C 199 7.97 26.14 32.09
CA PHE C 199 6.76 26.55 31.39
C PHE C 199 5.87 27.39 32.29
N GLU C 200 5.75 26.98 33.55
CA GLU C 200 5.00 27.74 34.53
C GLU C 200 5.58 29.15 34.70
N ALA C 201 6.91 29.25 34.80
CA ALA C 201 7.53 30.55 35.00
C ALA C 201 7.25 31.48 33.83
N ALA C 202 7.29 30.95 32.61
CA ALA C 202 7.01 31.75 31.44
C ALA C 202 5.58 32.28 31.46
N GLU C 203 4.62 31.44 31.87
CA GLU C 203 3.23 31.91 31.99
C GLU C 203 3.11 33.02 33.02
N GLU C 204 3.89 32.96 34.10
CA GLU C 204 3.91 33.96 35.15
C GLU C 204 4.61 35.26 34.74
N GLY C 205 5.20 35.35 33.55
CA GLY C 205 5.88 36.57 33.13
C GLY C 205 7.39 36.56 33.22
N ASP C 206 8.01 35.45 33.62
CA ASP C 206 9.47 35.35 33.70
C ASP C 206 10.09 35.52 32.31
N ASP C 207 10.61 36.73 32.01
CA ASP C 207 11.12 37.06 30.68
C ASP C 207 12.30 36.19 30.28
N ILE C 208 13.16 35.82 31.23
CA ILE C 208 14.27 34.94 30.90
C ILE C 208 13.75 33.55 30.51
N ALA C 209 12.76 33.03 31.25
CA ALA C 209 12.18 31.75 30.91
C ALA C 209 11.53 31.77 29.53
N LYS C 210 10.79 32.85 29.20
CA LYS C 210 10.19 32.94 27.86
C LYS C 210 11.25 32.96 26.77
N GLN C 211 12.36 33.68 27.00
CA GLN C 211 13.40 33.77 25.97
C GLN C 211 14.05 32.42 25.72
N ILE C 212 14.36 31.69 26.80
CA ILE C 212 14.93 30.35 26.67
C ILE C 212 14.01 29.46 25.85
N LEU C 213 12.71 29.49 26.14
CA LEU C 213 11.75 28.67 25.42
C LEU C 213 11.67 29.08 23.96
N ASN C 214 11.65 30.38 23.68
CA ASN C 214 11.57 30.85 22.31
C ASN C 214 12.80 30.47 21.52
N GLU C 215 13.99 30.63 22.12
CA GLU C 215 15.21 30.28 21.42
C GLU C 215 15.28 28.79 21.17
N TRP C 216 14.85 27.99 22.15
CA TRP C 216 14.80 26.55 21.95
C TRP C 216 13.73 26.18 20.92
N ALA C 217 12.54 26.77 21.01
CA ALA C 217 11.48 26.48 20.05
C ALA C 217 11.91 26.79 18.63
N GLU C 218 12.69 27.87 18.47
CA GLU C 218 13.18 28.25 17.15
C GLU C 218 13.95 27.10 16.50
N ASP C 219 14.86 26.47 17.27
CA ASP C 219 15.63 25.34 16.76
C ASP C 219 14.72 24.13 16.48
N VAL C 220 13.70 23.91 17.31
CA VAL C 220 12.74 22.82 17.06
C VAL C 220 12.03 23.05 15.73
N ALA C 221 11.53 24.27 15.52
CA ALA C 221 10.75 24.62 14.35
C ALA C 221 11.57 24.45 13.08
N GLU C 222 12.88 24.70 13.16
CA GLU C 222 13.75 24.44 12.02
C GLU C 222 13.66 22.98 11.57
N GLY C 223 13.64 22.05 12.53
CA GLY C 223 13.57 20.63 12.16
C GLY C 223 12.23 20.25 11.58
N ILE C 224 11.15 20.74 12.16
CA ILE C 224 9.80 20.47 11.65
C ILE C 224 9.69 20.96 10.21
N ALA C 225 10.27 22.13 9.90
CA ALA C 225 10.21 22.68 8.55
C ALA C 225 10.83 21.75 7.52
N GLN C 226 11.93 21.06 7.86
CA GLN C 226 12.54 20.11 6.93
C GLN C 226 11.60 18.94 6.66
N ILE C 227 10.95 18.45 7.73
CA ILE C 227 9.99 17.34 7.60
C ILE C 227 8.79 17.76 6.77
N GLN C 228 8.31 18.99 6.98
CA GLN C 228 7.16 19.52 6.25
C GLN C 228 7.41 19.46 4.75
N VAL C 229 8.54 20.02 4.28
CA VAL C 229 8.72 20.13 2.83
C VAL C 229 9.11 18.81 2.20
N TYR C 231 7.78 15.57 3.52
CA TYR C 231 6.61 14.70 3.62
C TYR C 231 5.30 15.39 3.28
N ASP C 232 5.20 16.71 3.43
CA ASP C 232 3.94 17.43 3.30
C ASP C 232 2.82 16.70 4.05
N PRO C 233 3.00 16.45 5.34
CA PRO C 233 2.00 15.67 6.08
C PRO C 233 0.74 16.48 6.37
N GLY C 234 -0.35 15.77 6.67
CA GLY C 234 -1.59 16.42 7.05
C GLY C 234 -1.67 16.83 8.52
N LEU C 235 -0.79 16.30 9.36
CA LEU C 235 -0.78 16.58 10.79
C LEU C 235 0.60 16.21 11.33
N ILE C 236 1.11 17.02 12.24
CA ILE C 236 2.38 16.74 12.91
C ILE C 236 2.12 16.66 14.40
N LEU C 237 2.36 15.49 14.98
CA LEU C 237 2.21 15.28 16.42
C LEU C 237 3.56 15.43 17.12
N ILE C 238 3.54 16.07 18.29
CA ILE C 238 4.70 16.16 19.16
C ILE C 238 4.43 15.27 20.35
N GLY C 239 5.31 14.28 20.58
CA GLY C 239 5.23 13.40 21.73
C GLY C 239 6.40 13.51 22.68
N GLY C 240 6.44 12.62 23.67
CA GLY C 240 7.46 12.63 24.69
C GLY C 240 6.94 13.31 25.96
N GLY C 241 7.75 13.19 27.03
CA GLY C 241 7.35 13.74 28.31
C GLY C 241 6.93 15.20 28.23
N ILE C 242 7.72 16.02 27.52
CA ILE C 242 7.44 17.44 27.44
C ILE C 242 6.12 17.72 26.71
N SER C 243 5.60 16.76 25.95
CA SER C 243 4.32 17.02 25.28
C SER C 243 3.15 17.11 26.26
N GLU C 244 3.36 16.77 27.53
CA GLU C 244 2.33 17.04 28.54
C GLU C 244 1.91 18.51 28.60
N GLN C 245 2.73 19.45 28.09
CA GLN C 245 2.40 20.88 28.15
C GLN C 245 1.33 21.31 27.15
N GLY C 246 0.91 20.44 26.23
CA GLY C 246 -0.22 20.76 25.36
C GLY C 246 -0.01 22.02 24.55
N ASP C 247 -1.04 22.87 24.51
CA ASP C 247 -1.01 24.11 23.73
C ASP C 247 0.12 25.04 24.16
N ASN C 248 0.50 24.98 25.44
CA ASN C 248 1.57 25.85 25.89
C ASN C 248 2.91 25.48 25.26
N LEU C 249 3.08 24.23 24.83
CA LEU C 249 4.24 23.87 24.02
C LEU C 249 4.06 24.31 22.57
N ILE C 250 2.89 24.04 21.98
CA ILE C 250 2.68 24.32 20.56
C ILE C 250 2.79 25.82 20.30
N LYS C 251 2.29 26.65 21.21
CA LYS C 251 2.25 28.07 20.93
C LYS C 251 3.66 28.66 20.74
N TYR C 252 4.70 28.03 21.31
CA TYR C 252 6.06 28.50 21.08
C TYR C 252 6.65 28.02 19.76
N ILE C 253 6.26 26.82 19.31
CA ILE C 253 6.88 26.15 18.17
C ILE C 253 6.17 26.47 16.86
N GLU C 254 4.84 26.29 16.83
CA GLU C 254 4.05 26.34 15.59
C GLU C 254 4.25 27.61 14.79
N PRO C 255 4.19 28.82 15.36
CA PRO C 255 4.38 30.01 14.52
C PRO C 255 5.80 30.15 13.99
N LYS C 256 6.81 29.56 14.63
CA LYS C 256 8.19 29.75 14.18
C LYS C 256 8.56 28.86 13.01
N VAL C 257 7.81 27.78 12.76
CA VAL C 257 8.02 26.94 11.59
C VAL C 257 7.99 27.80 10.31
N ALA C 258 7.13 28.83 10.28
CA ALA C 258 7.04 29.69 9.10
C ALA C 258 8.38 30.35 8.76
N HIS C 259 9.23 30.56 9.77
CA HIS C 259 10.52 31.21 9.59
C HIS C 259 11.45 30.43 8.66
N TYR C 260 11.26 29.12 8.51
CA TYR C 260 12.18 28.33 7.70
C TYR C 260 11.52 27.80 6.43
N LEU C 261 10.38 28.37 6.06
CA LEU C 261 9.63 28.00 4.88
C LEU C 261 9.41 29.22 4.01
N PRO C 262 9.16 29.04 2.71
CA PRO C 262 8.91 30.19 1.82
C PRO C 262 7.66 30.99 2.21
N LYS C 263 7.60 32.22 1.68
CA LYS C 263 6.52 33.14 1.99
C LYS C 263 5.14 32.51 1.77
N ASP C 264 4.29 32.59 2.80
CA ASP C 264 2.92 32.11 2.75
C ASP C 264 2.79 30.61 2.50
N TYR C 265 3.86 29.84 2.73
CA TYR C 265 3.78 28.39 2.63
C TYR C 265 2.79 27.85 3.66
N VAL C 266 1.87 26.99 3.22
CA VAL C 266 0.87 26.42 4.12
C VAL C 266 1.40 25.11 4.67
N TYR C 267 1.66 25.05 5.98
CA TYR C 267 2.19 23.85 6.60
C TYR C 267 1.20 23.22 7.56
N ALA C 268 1.47 21.97 7.91
CA ALA C 268 0.49 21.17 8.63
C ALA C 268 0.22 21.73 10.03
N PRO C 269 -1.00 21.55 10.54
CA PRO C 269 -1.24 21.78 11.97
C PRO C 269 -0.33 20.93 12.84
N ILE C 270 -0.03 21.43 14.03
CA ILE C 270 0.88 20.79 14.97
C ILE C 270 0.17 20.65 16.31
N GLN C 271 0.14 19.43 16.86
CA GLN C 271 -0.56 19.12 18.10
C GLN C 271 0.33 18.21 18.93
N THR C 272 0.00 18.07 20.22
CA THR C 272 0.68 17.09 21.06
C THR C 272 -0.08 15.77 21.04
N THR C 273 0.65 14.67 21.24
CA THR C 273 0.01 13.36 21.29
C THR C 273 -1.04 13.32 22.41
N LYS C 274 -2.04 12.46 22.23
CA LYS C 274 -3.13 12.41 23.18
C LYS C 274 -2.93 11.34 24.25
N SER C 275 -2.34 10.19 23.92
CA SER C 275 -2.16 9.12 24.89
C SER C 275 -0.72 9.11 25.38
N LYS C 276 -0.55 9.34 26.68
CA LYS C 276 0.78 9.62 27.20
C LYS C 276 1.54 8.37 27.65
N ASN C 277 0.86 7.28 27.99
CA ASN C 277 1.59 6.16 28.56
C ASN C 277 1.40 4.84 27.82
N ASP C 278 0.18 4.48 27.43
CA ASP C 278 -0.12 3.13 26.99
C ASP C 278 0.08 2.93 25.49
N ALA C 279 0.42 3.97 24.74
CA ALA C 279 0.28 3.93 23.27
C ALA C 279 1.08 2.78 22.65
N ALA C 280 2.32 2.60 23.08
CA ALA C 280 3.18 1.59 22.45
C ALA C 280 2.68 0.18 22.74
N LEU C 281 2.06 -0.01 23.90
CA LEU C 281 1.49 -1.32 24.22
C LEU C 281 0.43 -1.69 23.20
N TYR C 282 -0.46 -0.74 22.90
CA TYR C 282 -1.48 -0.97 21.87
C TYR C 282 -0.84 -1.07 20.49
N GLY C 283 0.16 -0.22 20.21
CA GLY C 283 0.73 -0.14 18.87
C GLY C 283 1.52 -1.35 18.45
N CYS C 284 2.19 -2.00 19.40
CA CYS C 284 3.01 -3.16 19.08
C CYS C 284 2.17 -4.35 18.63
N LEU C 285 0.85 -4.30 18.82
CA LEU C 285 -0.08 -5.30 18.30
C LEU C 285 -0.58 -4.98 16.89
N GLN C 286 -0.28 -3.81 16.36
CA GLN C 286 -0.86 -3.31 15.12
C GLN C 286 0.04 -3.44 13.89
N TYR D 2 -14.34 17.49 17.21
CA TYR D 2 -15.62 16.84 16.97
C TYR D 2 -15.80 16.53 15.49
N TYR D 3 -16.24 15.30 15.20
CA TYR D 3 -16.51 14.82 13.85
C TYR D 3 -18.00 14.50 13.73
N ILE D 4 -18.58 14.82 12.57
CA ILE D 4 -19.98 14.53 12.26
C ILE D 4 -20.03 13.27 11.39
N ALA D 5 -20.75 12.26 11.86
CA ALA D 5 -20.86 10.97 11.18
C ALA D 5 -22.31 10.70 10.81
N ILE D 6 -22.55 10.35 9.54
CA ILE D 6 -23.87 10.12 9.00
C ILE D 6 -23.90 8.81 8.23
N ASP D 7 -24.87 7.95 8.55
CA ASP D 7 -25.05 6.63 7.94
C ASP D 7 -26.42 6.55 7.28
N ILE D 8 -26.46 6.64 5.95
CA ILE D 8 -27.71 6.69 5.17
C ILE D 8 -28.10 5.27 4.77
N GLY D 9 -29.23 4.80 5.29
CA GLY D 9 -29.73 3.48 5.01
C GLY D 9 -30.98 3.50 4.15
N GLY D 10 -31.41 2.29 3.79
CA GLY D 10 -32.66 2.16 3.05
C GLY D 10 -33.85 2.63 3.87
N THR D 11 -33.86 2.33 5.17
CA THR D 11 -34.93 2.73 6.06
C THR D 11 -34.56 3.85 7.03
N GLN D 12 -33.34 3.85 7.56
CA GLN D 12 -32.98 4.86 8.54
C GLN D 12 -31.76 5.65 8.12
N ILE D 13 -31.69 6.89 8.64
CA ILE D 13 -30.51 7.72 8.60
C ILE D 13 -30.00 7.82 10.02
N LYS D 14 -28.84 7.23 10.28
CA LYS D 14 -28.18 7.30 11.57
C LYS D 14 -27.26 8.52 11.56
N SER D 15 -27.09 9.15 12.72
CA SER D 15 -26.14 10.24 12.81
C SER D 15 -25.63 10.38 14.25
N ALA D 16 -24.46 10.99 14.37
CA ALA D 16 -23.83 11.19 15.68
C ALA D 16 -22.62 12.13 15.52
N VAL D 17 -22.16 12.63 16.66
CA VAL D 17 -20.88 13.31 16.76
C VAL D 17 -19.90 12.41 17.50
N ILE D 18 -18.67 12.32 16.99
CA ILE D 18 -17.60 11.51 17.58
C ILE D 18 -16.43 12.43 17.86
N ASP D 19 -15.77 12.24 19.03
CA ASP D 19 -14.66 13.12 19.42
C ASP D 19 -13.33 12.41 19.21
N LYS D 20 -12.25 13.09 19.60
CA LYS D 20 -10.90 12.60 19.34
C LYS D 20 -10.65 11.24 19.99
N GLN D 21 -11.30 10.97 21.13
CA GLN D 21 -11.10 9.71 21.82
C GLN D 21 -12.19 8.69 21.51
N LEU D 22 -12.90 8.86 20.38
CA LEU D 22 -13.91 7.93 19.87
C LEU D 22 -15.14 7.83 20.78
N ASN D 23 -15.34 8.82 21.64
CA ASN D 23 -16.60 8.94 22.36
C ASN D 23 -17.72 9.39 21.44
N PHE D 25 -21.50 10.96 20.87
CA PHE D 25 -22.45 11.86 21.48
C PHE D 25 -23.60 12.13 20.52
N ASP D 26 -24.77 12.41 21.10
CA ASP D 26 -25.93 12.94 20.38
C ASP D 26 -26.34 12.04 19.22
N TYR D 27 -26.39 10.74 19.48
CA TYR D 27 -26.87 9.79 18.49
C TYR D 27 -28.29 10.15 18.07
N GLN D 28 -28.53 10.12 16.76
CA GLN D 28 -29.83 10.47 16.21
C GLN D 28 -30.23 9.45 15.14
N GLN D 29 -31.53 9.21 15.05
CA GLN D 29 -32.07 8.11 14.26
C GLN D 29 -33.40 8.59 13.69
N ILE D 30 -33.43 8.92 12.40
CA ILE D 30 -34.66 9.35 11.73
C ILE D 30 -34.95 8.41 10.58
N SER D 31 -36.13 8.55 9.99
CA SER D 31 -36.53 7.71 8.88
C SER D 31 -36.10 8.34 7.56
N THR D 32 -35.56 7.51 6.67
CA THR D 32 -35.11 7.98 5.37
C THR D 32 -36.29 8.56 4.58
N PRO D 33 -36.17 9.77 4.04
CA PRO D 33 -37.25 10.35 3.22
C PRO D 33 -37.52 9.52 1.98
N ASP D 34 -38.62 9.84 1.29
CA ASP D 34 -38.97 9.13 0.07
C ASP D 34 -38.14 9.56 -1.12
N ASN D 35 -37.39 10.66 -1.00
CA ASN D 35 -36.56 11.21 -2.07
C ASN D 35 -37.40 11.58 -3.28
N LYS D 36 -38.65 11.97 -3.03
CA LYS D 36 -39.56 12.45 -4.07
C LYS D 36 -40.14 13.81 -3.65
N SER D 37 -40.99 13.81 -2.62
CA SER D 37 -41.52 15.05 -2.08
C SER D 37 -40.50 15.74 -1.18
N GLU D 38 -39.81 14.97 -0.33
CA GLU D 38 -38.76 15.50 0.52
C GLU D 38 -37.47 14.75 0.25
N LEU D 39 -36.37 15.50 0.14
CA LEU D 39 -35.12 15.03 -0.42
C LEU D 39 -34.16 14.58 0.67
N ILE D 40 -33.46 13.46 0.39
CA ILE D 40 -32.40 13.00 1.28
C ILE D 40 -31.31 14.05 1.41
N THR D 41 -30.96 14.71 0.30
CA THR D 41 -29.91 15.74 0.36
C THR D 41 -30.29 16.86 1.33
N ASP D 42 -31.58 17.18 1.44
CA ASP D 42 -32.02 18.22 2.37
C ASP D 42 -31.91 17.76 3.82
N LYS D 43 -32.28 16.51 4.10
CA LYS D 43 -32.11 15.99 5.46
C LYS D 43 -30.64 15.99 5.89
N VAL D 44 -29.74 15.55 5.01
CA VAL D 44 -28.32 15.53 5.35
C VAL D 44 -27.80 16.94 5.64
N TYR D 45 -28.18 17.90 4.78
CA TYR D 45 -27.80 19.28 5.02
C TYR D 45 -28.32 19.76 6.37
N GLU D 46 -29.56 19.39 6.69
CA GLU D 46 -30.16 19.76 7.97
C GLU D 46 -29.38 19.16 9.13
N ILE D 47 -29.06 17.86 9.03
CA ILE D 47 -28.33 17.19 10.11
C ILE D 47 -26.98 17.85 10.31
N VAL D 48 -26.29 18.18 9.21
CA VAL D 48 -24.97 18.79 9.33
C VAL D 48 -25.07 20.20 9.92
N THR D 49 -26.03 21.01 9.46
CA THR D 49 -26.15 22.35 10.03
C THR D 49 -26.59 22.30 11.49
N GLY D 50 -27.49 21.36 11.83
CA GLY D 50 -27.91 21.21 13.23
C GLY D 50 -26.74 20.94 14.17
N TYR D 51 -25.92 19.94 13.84
CA TYR D 51 -24.76 19.59 14.66
C TYR D 51 -23.75 20.73 14.73
N LYS D 53 -24.36 24.02 14.56
CA LYS D 53 -24.88 24.97 15.54
C LYS D 53 -24.66 24.43 16.96
N GLN D 54 -25.13 23.21 17.23
CA GLN D 54 -25.16 22.69 18.59
C GLN D 54 -23.76 22.55 19.18
N TYR D 55 -22.77 22.26 18.35
CA TYR D 55 -21.40 22.04 18.83
C TYR D 55 -20.48 23.19 18.48
N GLN D 56 -21.02 24.28 17.94
CA GLN D 56 -20.26 25.45 17.51
C GLN D 56 -19.07 25.04 16.64
N LEU D 57 -19.38 24.36 15.54
CA LEU D 57 -18.39 23.90 14.59
C LEU D 57 -18.35 24.78 13.35
N ILE D 58 -17.15 25.08 12.88
CA ILE D 58 -16.91 25.82 11.65
C ILE D 58 -16.03 24.95 10.77
N GLN D 59 -16.50 24.65 9.56
CA GLN D 59 -15.84 23.69 8.66
C GLN D 59 -15.58 22.32 9.29
N PRO D 60 -16.61 21.63 9.76
CA PRO D 60 -16.39 20.35 10.46
C PRO D 60 -15.95 19.25 9.52
N VAL D 61 -15.25 18.27 10.06
CA VAL D 61 -15.00 17.04 9.32
C VAL D 61 -16.29 16.21 9.32
N ILE D 62 -16.75 15.83 8.13
CA ILE D 62 -17.99 15.08 7.97
C ILE D 62 -17.69 13.76 7.26
N GLY D 63 -18.15 12.66 7.83
CA GLY D 63 -18.04 11.35 7.21
C GLY D 63 -19.44 10.85 6.86
N ILE D 64 -19.58 10.30 5.67
CA ILE D 64 -20.89 9.85 5.17
C ILE D 64 -20.75 8.41 4.72
N SER D 65 -21.57 7.54 5.30
CA SER D 65 -21.72 6.15 4.90
C SER D 65 -23.07 6.00 4.24
N SER D 66 -23.12 5.27 3.12
CA SER D 66 -24.38 5.16 2.40
C SER D 66 -24.52 3.81 1.70
N ALA D 67 -25.75 3.29 1.71
CA ALA D 67 -26.09 2.15 0.86
C ALA D 67 -25.94 2.56 -0.61
N GLY D 68 -25.95 1.56 -1.49
CA GLY D 68 -25.73 1.80 -2.91
C GLY D 68 -24.26 1.69 -3.30
N VAL D 69 -23.99 1.93 -4.59
CA VAL D 69 -22.62 1.92 -5.12
C VAL D 69 -22.06 3.34 -5.05
N VAL D 70 -20.93 3.49 -4.38
CA VAL D 70 -20.36 4.78 -4.00
C VAL D 70 -19.02 4.95 -4.70
N ASP D 71 -18.82 6.09 -5.38
CA ASP D 71 -17.50 6.51 -5.86
C ASP D 71 -16.88 7.35 -4.76
N GLU D 72 -15.98 6.75 -4.00
CA GLU D 72 -15.51 7.40 -2.78
C GLU D 72 -14.76 8.68 -3.09
N GLN D 73 -14.12 8.75 -4.25
CA GLN D 73 -13.32 9.93 -4.51
C GLN D 73 -14.17 11.07 -5.02
N LYS D 74 -15.18 10.77 -5.83
CA LYS D 74 -16.12 11.81 -6.22
C LYS D 74 -17.07 12.16 -5.08
N GLY D 75 -17.25 11.25 -4.13
CA GLY D 75 -18.25 11.41 -3.09
C GLY D 75 -19.65 11.33 -3.63
N GLU D 76 -19.90 10.40 -4.56
CA GLU D 76 -21.09 10.41 -5.39
C GLU D 76 -21.74 9.03 -5.43
N ILE D 77 -23.07 8.99 -5.47
CA ILE D 77 -23.80 7.73 -5.61
C ILE D 77 -23.75 7.32 -7.09
N VAL D 78 -23.03 6.25 -7.37
CA VAL D 78 -22.92 5.77 -8.75
C VAL D 78 -24.14 4.99 -9.18
N TYR D 79 -24.71 4.18 -8.30
CA TYR D 79 -25.88 3.38 -8.60
C TYR D 79 -26.58 3.07 -7.28
N ALA D 80 -27.91 3.04 -7.33
CA ALA D 80 -28.74 2.69 -6.18
C ALA D 80 -29.85 1.77 -6.63
N GLY D 81 -30.30 0.90 -5.71
CA GLY D 81 -31.41 0.05 -5.98
C GLY D 81 -32.71 0.83 -6.09
N PRO D 82 -33.80 0.11 -6.38
CA PRO D 82 -35.11 0.79 -6.36
C PRO D 82 -35.54 1.19 -4.97
N THR D 83 -34.99 0.53 -3.93
CA THR D 83 -35.25 0.86 -2.54
C THR D 83 -35.25 2.36 -2.29
N ILE D 84 -34.24 3.05 -2.81
CA ILE D 84 -34.10 4.49 -2.66
C ILE D 84 -34.18 5.13 -4.04
N PRO D 85 -35.35 5.61 -4.43
CA PRO D 85 -35.50 6.22 -5.76
C PRO D 85 -34.64 7.46 -5.92
N ASN D 86 -34.29 7.75 -7.18
CA ASN D 86 -33.71 9.02 -7.60
C ASN D 86 -32.35 9.32 -6.93
N TYR D 87 -31.68 8.30 -6.41
CA TYR D 87 -30.50 8.53 -5.58
C TYR D 87 -29.24 8.78 -6.40
N LYS D 88 -29.18 8.17 -7.57
CA LYS D 88 -27.99 8.19 -8.40
C LYS D 88 -27.64 9.61 -8.84
N GLY D 89 -26.34 9.97 -8.76
CA GLY D 89 -25.89 11.32 -9.04
C GLY D 89 -25.76 12.23 -7.84
N THR D 90 -26.34 11.85 -6.69
CA THR D 90 -26.11 12.57 -5.44
C THR D 90 -24.65 12.62 -5.06
N ASN D 91 -24.13 13.85 -4.95
CA ASN D 91 -22.74 14.14 -4.64
C ASN D 91 -22.71 14.91 -3.34
N PHE D 92 -22.33 14.23 -2.25
CA PHE D 92 -22.33 14.85 -0.92
C PHE D 92 -21.24 15.91 -0.79
N LYS D 93 -20.14 15.79 -1.54
CA LYS D 93 -19.10 16.82 -1.53
C LYS D 93 -19.61 18.13 -2.14
N ARG D 94 -20.27 18.06 -3.30
CA ARG D 94 -20.89 19.25 -3.88
C ARG D 94 -22.00 19.77 -2.97
N LEU D 95 -22.79 18.86 -2.38
CA LEU D 95 -23.93 19.29 -1.57
C LEU D 95 -23.48 20.12 -0.36
N LEU D 96 -22.39 19.73 0.27
CA LEU D 96 -21.93 20.34 1.52
C LEU D 96 -20.75 21.29 1.30
N LYS D 97 -20.46 21.61 0.04
CA LYS D 97 -19.31 22.47 -0.24
C LYS D 97 -19.37 23.77 0.54
N SER D 98 -20.58 24.33 0.71
CA SER D 98 -20.74 25.61 1.38
C SER D 98 -20.52 25.51 2.90
N LEU D 99 -20.59 24.31 3.46
CA LEU D 99 -20.36 24.12 4.89
C LEU D 99 -18.92 23.70 5.21
N SER D 100 -18.34 22.78 4.43
CA SER D 100 -17.00 22.29 4.75
C SER D 100 -16.36 21.68 3.51
N PRO D 101 -15.04 21.79 3.35
CA PRO D 101 -14.35 21.05 2.30
C PRO D 101 -13.89 19.67 2.73
N TYR D 102 -14.19 19.26 3.95
CA TYR D 102 -13.68 18.01 4.53
C TYR D 102 -14.82 17.02 4.65
N VAL D 103 -15.22 16.47 3.51
CA VAL D 103 -16.31 15.50 3.43
C VAL D 103 -15.73 14.22 2.85
N LYS D 104 -15.97 13.12 3.55
CA LYS D 104 -15.61 11.77 3.09
C LYS D 104 -16.90 10.99 2.88
N VAL D 105 -16.93 10.16 1.85
CA VAL D 105 -18.11 9.37 1.51
C VAL D 105 -17.67 7.93 1.28
N LYS D 106 -18.38 6.98 1.89
CA LYS D 106 -18.05 5.56 1.74
C LYS D 106 -19.33 4.76 1.62
N ASN D 107 -19.19 3.62 0.98
CA ASN D 107 -20.29 2.67 0.93
C ASN D 107 -20.46 2.00 2.30
N ASP D 108 -21.67 1.51 2.57
CA ASP D 108 -22.01 1.14 3.95
C ASP D 108 -21.27 -0.12 4.42
N VAL D 109 -21.06 -1.13 3.57
CA VAL D 109 -20.32 -2.32 4.04
C VAL D 109 -18.86 -1.97 4.30
N ASN D 110 -18.27 -1.11 3.46
CA ASN D 110 -16.88 -0.72 3.69
C ASN D 110 -16.77 0.06 4.99
N ALA D 111 -17.71 0.97 5.24
CA ALA D 111 -17.71 1.74 6.47
C ALA D 111 -17.87 0.82 7.68
N ALA D 112 -18.84 -0.09 7.63
CA ALA D 112 -19.04 -1.00 8.76
C ALA D 112 -17.76 -1.78 9.05
N LEU D 113 -17.06 -2.26 8.00
CA LEU D 113 -15.84 -3.02 8.26
C LEU D 113 -14.77 -2.13 8.90
N LEU D 114 -14.60 -0.91 8.39
CA LEU D 114 -13.59 -0.01 8.96
C LEU D 114 -13.89 0.26 10.43
N GLY D 115 -15.16 0.50 10.77
CA GLY D 115 -15.51 0.75 12.17
C GLY D 115 -15.27 -0.47 13.04
N GLU D 116 -15.75 -1.64 12.59
CA GLU D 116 -15.46 -2.91 13.25
C GLU D 116 -13.97 -3.06 13.52
N LEU D 117 -13.13 -2.69 12.54
CA LEU D 117 -11.69 -2.89 12.65
C LEU D 117 -10.99 -1.82 13.49
N LYS D 118 -11.48 -0.57 13.47
CA LYS D 118 -10.85 0.43 14.33
C LYS D 118 -11.14 0.15 15.80
N LEU D 119 -12.35 -0.28 16.13
CA LEU D 119 -12.71 -0.44 17.54
C LEU D 119 -12.24 -1.75 18.16
N HIS D 120 -11.56 -2.65 17.44
CA HIS D 120 -11.23 -3.94 18.04
C HIS D 120 -9.80 -4.35 17.68
N GLN D 121 -9.26 -5.26 18.48
CA GLN D 121 -7.97 -5.85 18.20
C GLN D 121 -8.21 -7.25 17.63
N TYR D 122 -7.69 -7.51 16.44
CA TYR D 122 -7.87 -8.82 15.84
C TYR D 122 -6.52 -9.48 15.62
N GLN D 123 -6.55 -10.79 15.40
CA GLN D 123 -5.39 -11.66 15.33
C GLN D 123 -4.87 -11.86 13.91
N ALA D 124 -5.34 -11.07 12.93
CA ALA D 124 -5.08 -11.31 11.52
C ALA D 124 -4.81 -9.98 10.80
N GLU D 125 -4.01 -10.06 9.73
CA GLU D 125 -3.70 -8.91 8.91
C GLU D 125 -4.76 -8.67 7.84
N ARG D 126 -5.29 -9.75 7.25
CA ARG D 126 -6.26 -9.67 6.16
C ARG D 126 -7.60 -10.16 6.68
N ILE D 127 -8.63 -9.32 6.58
CA ILE D 127 -9.93 -9.64 7.17
C ILE D 127 -11.02 -9.40 6.15
N PHE D 128 -11.82 -10.44 5.87
CA PHE D 128 -13.00 -10.32 5.03
C PHE D 128 -14.24 -10.35 5.90
N CYS D 129 -15.20 -9.48 5.58
CA CYS D 129 -16.48 -9.49 6.30
C CYS D 129 -17.61 -9.73 5.31
N THR D 131 -21.72 -9.73 5.04
CA THR D 131 -22.89 -9.25 5.78
C THR D 131 -24.14 -9.92 5.22
N LEU D 132 -24.84 -10.68 6.07
CA LEU D 132 -26.03 -11.42 5.68
C LEU D 132 -27.28 -10.62 6.01
N GLY D 133 -28.12 -10.38 5.00
CA GLY D 133 -29.38 -9.71 5.22
C GLY D 133 -30.41 -10.03 4.18
N THR D 134 -31.03 -8.97 3.64
CA THR D 134 -31.86 -9.11 2.46
C THR D 134 -31.09 -9.79 1.35
N GLY D 135 -29.91 -9.27 1.04
CA GLY D 135 -28.93 -9.88 0.19
C GLY D 135 -27.68 -10.14 1.00
N ILE D 136 -26.53 -10.24 0.34
CA ILE D 136 -25.25 -10.43 1.03
C ILE D 136 -24.25 -9.37 0.57
N GLY D 137 -23.70 -8.63 1.51
CA GLY D 137 -22.63 -7.70 1.21
C GLY D 137 -21.29 -8.28 1.61
N GLY D 138 -20.24 -7.70 1.05
CA GLY D 138 -18.87 -8.11 1.31
C GLY D 138 -17.93 -6.92 1.32
N ALA D 139 -16.83 -7.06 2.06
CA ALA D 139 -15.80 -6.04 2.18
C ALA D 139 -14.52 -6.72 2.67
N TYR D 140 -13.41 -6.18 2.21
CA TYR D 140 -12.10 -6.80 2.43
C TYR D 140 -11.12 -5.72 2.82
N LYS D 141 -10.40 -5.94 3.91
CA LYS D 141 -9.37 -5.01 4.35
C LYS D 141 -8.01 -5.69 4.24
N ASN D 142 -7.08 -5.00 3.61
CA ASN D 142 -5.94 -5.58 2.94
C ASN D 142 -4.78 -5.79 3.91
N ASN D 143 -3.77 -6.51 3.41
CA ASN D 143 -2.48 -6.57 4.08
C ASN D 143 -1.94 -5.17 4.34
N GLN D 144 -2.16 -4.25 3.40
CA GLN D 144 -1.57 -2.92 3.42
C GLN D 144 -2.57 -1.83 3.83
N GLY D 145 -3.47 -2.14 4.74
CA GLY D 145 -4.36 -1.12 5.31
C GLY D 145 -5.64 -0.66 4.61
N HIS D 146 -5.57 -0.38 3.30
CA HIS D 146 -6.68 0.27 2.61
C HIS D 146 -7.65 -0.76 2.02
N ILE D 147 -8.78 -0.26 1.53
CA ILE D 147 -9.81 -1.09 0.93
C ILE D 147 -9.85 -0.75 -0.56
N ASP D 148 -9.65 -1.76 -1.38
CA ASP D 148 -9.75 -1.62 -2.83
C ASP D 148 -11.22 -1.76 -3.20
N ASN D 149 -11.81 -0.70 -3.78
CA ASN D 149 -13.23 -0.72 -4.11
C ASN D 149 -13.50 -1.26 -5.51
N GLY D 150 -12.48 -1.57 -6.29
CA GLY D 150 -12.64 -2.08 -7.64
C GLY D 150 -12.61 -0.98 -8.68
N GLU D 151 -12.43 -1.39 -9.95
CA GLU D 151 -12.31 -0.41 -11.03
C GLU D 151 -13.61 0.36 -11.26
N LEU D 152 -14.76 -0.25 -11.02
CA LEU D 152 -16.02 0.45 -11.17
C LEU D 152 -16.74 0.54 -9.83
N HIS D 153 -15.98 0.50 -8.74
CA HIS D 153 -16.49 0.66 -7.37
C HIS D 153 -17.42 -0.48 -6.98
N LYS D 154 -17.39 -1.60 -7.72
CA LYS D 154 -18.23 -2.77 -7.51
C LYS D 154 -17.46 -3.98 -6.98
N ALA D 155 -16.36 -3.77 -6.25
CA ALA D 155 -15.61 -4.89 -5.68
C ALA D 155 -16.41 -5.58 -4.58
N ASN D 156 -16.15 -6.88 -4.42
CA ASN D 156 -16.65 -7.68 -3.29
C ASN D 156 -18.16 -7.82 -3.31
N GLU D 157 -18.75 -7.94 -4.50
CA GLU D 157 -20.19 -8.20 -4.61
C GLU D 157 -20.45 -9.70 -4.48
N VAL D 158 -20.18 -10.23 -3.27
CA VAL D 158 -20.17 -11.68 -3.03
C VAL D 158 -21.53 -12.30 -3.29
N GLY D 159 -22.61 -11.53 -3.19
CA GLY D 159 -23.94 -12.05 -3.45
C GLY D 159 -24.11 -12.65 -4.82
N TYR D 160 -23.34 -12.17 -5.80
CA TYR D 160 -23.36 -12.64 -7.19
C TYR D 160 -22.46 -13.86 -7.42
N LEU D 161 -21.76 -14.34 -6.40
CA LEU D 161 -20.98 -15.56 -6.57
C LEU D 161 -21.89 -16.72 -6.98
N LEU D 162 -21.31 -17.71 -7.66
CA LEU D 162 -21.89 -19.06 -7.70
C LEU D 162 -23.30 -19.08 -8.29
N TYR D 163 -23.48 -18.42 -9.44
CA TYR D 163 -24.75 -18.54 -10.13
C TYR D 163 -24.91 -19.96 -10.66
N ARG D 164 -26.05 -20.60 -10.37
CA ARG D 164 -26.35 -21.94 -10.87
C ARG D 164 -27.39 -21.86 -11.99
N PRO D 165 -27.02 -22.05 -13.27
CA PRO D 165 -28.01 -21.89 -14.36
C PRO D 165 -29.24 -22.78 -14.22
N THR D 166 -29.09 -24.01 -13.73
CA THR D 166 -30.24 -24.90 -13.62
C THR D 166 -31.27 -24.38 -12.64
N GLU D 167 -30.83 -23.86 -11.49
CA GLU D 167 -31.77 -23.36 -10.48
C GLU D 167 -32.07 -21.87 -10.62
N ASN D 168 -31.30 -21.14 -11.45
CA ASN D 168 -31.46 -19.70 -11.66
C ASN D 168 -31.31 -18.89 -10.36
N THR D 169 -30.36 -19.26 -9.51
CA THR D 169 -30.08 -18.52 -8.28
C THR D 169 -28.60 -18.14 -8.17
N THR D 170 -28.37 -16.98 -7.58
CA THR D 170 -27.05 -16.55 -7.14
C THR D 170 -26.81 -17.00 -5.70
N PHE D 171 -25.57 -16.84 -5.25
CA PHE D 171 -25.18 -17.10 -3.87
C PHE D 171 -26.15 -16.46 -2.88
N GLU D 172 -26.43 -15.16 -3.03
CA GLU D 172 -27.25 -14.48 -2.01
C GLU D 172 -28.69 -14.95 -2.08
N GLN D 173 -29.14 -15.41 -3.25
CA GLN D 173 -30.50 -15.90 -3.37
C GLN D 173 -30.69 -17.26 -2.69
N ARG D 174 -29.61 -17.96 -2.33
CA ARG D 174 -29.65 -19.20 -1.56
C ARG D 174 -29.22 -19.02 -0.12
N ALA D 175 -28.37 -18.03 0.17
CA ALA D 175 -27.65 -18.02 1.43
C ALA D 175 -27.90 -16.79 2.28
N ALA D 176 -28.53 -15.74 1.74
CA ALA D 176 -28.89 -14.59 2.54
C ALA D 176 -29.94 -14.96 3.58
N THR D 177 -30.11 -14.08 4.56
CA THR D 177 -31.12 -14.26 5.59
C THR D 177 -32.52 -14.36 4.99
N SER D 178 -32.84 -13.49 4.03
CA SER D 178 -34.14 -13.58 3.37
C SER D 178 -34.33 -14.92 2.68
N ALA D 179 -33.23 -15.52 2.21
CA ALA D 179 -33.31 -16.83 1.57
C ALA D 179 -33.57 -17.91 2.61
N LEU D 180 -32.97 -17.77 3.79
CA LEU D 180 -33.22 -18.72 4.87
C LEU D 180 -34.69 -18.71 5.26
N LYS D 181 -35.32 -17.53 5.26
CA LYS D 181 -36.75 -17.44 5.55
C LYS D 181 -37.56 -18.16 4.47
N LYS D 182 -37.17 -18.01 3.19
CA LYS D 182 -37.85 -18.76 2.14
C LYS D 182 -37.60 -20.25 2.30
N ARG D 183 -36.39 -20.62 2.71
CA ARG D 183 -36.10 -22.04 2.89
C ARG D 183 -36.77 -22.61 4.12
N ILE D 185 -39.88 -21.89 4.92
CA ILE D 185 -41.19 -22.26 4.40
C ILE D 185 -41.08 -23.52 3.55
N ALA D 186 -40.09 -23.57 2.66
CA ALA D 186 -39.98 -24.68 1.73
C ALA D 186 -39.66 -25.97 2.45
N GLY D 187 -39.00 -25.89 3.60
CA GLY D 187 -38.61 -27.06 4.36
C GLY D 187 -39.60 -27.55 5.39
N GLY D 188 -40.76 -26.91 5.53
CA GLY D 188 -41.75 -27.45 6.44
C GLY D 188 -41.75 -26.87 7.85
N PHE D 189 -41.07 -25.76 8.09
CA PHE D 189 -41.04 -25.15 9.43
C PHE D 189 -42.26 -24.25 9.62
N THR D 190 -43.38 -24.87 9.98
CA THR D 190 -44.67 -24.19 10.09
C THR D 190 -44.86 -23.55 11.45
N ARG D 191 -43.91 -23.75 12.36
CA ARG D 191 -44.01 -23.18 13.70
C ARG D 191 -43.95 -21.65 13.67
N SER D 192 -43.15 -21.07 12.79
CA SER D 192 -42.82 -19.64 12.82
C SER D 192 -42.06 -19.25 11.55
N THR D 193 -42.14 -17.95 11.20
CA THR D 193 -41.34 -17.36 10.13
C THR D 193 -40.21 -16.49 10.68
N HIS D 194 -39.95 -16.51 11.98
CA HIS D 194 -38.88 -15.73 12.58
C HIS D 194 -37.62 -16.57 12.69
N VAL D 195 -36.52 -16.04 12.15
CA VAL D 195 -35.23 -16.74 12.15
C VAL D 195 -34.77 -17.17 13.54
N PRO D 196 -34.88 -16.34 14.59
CA PRO D 196 -34.46 -16.83 15.93
C PRO D 196 -35.23 -18.05 16.41
N VAL D 197 -36.50 -18.20 16.03
CA VAL D 197 -37.26 -19.38 16.42
C VAL D 197 -36.73 -20.62 15.71
N LEU D 198 -36.21 -20.49 14.48
CA LEU D 198 -35.57 -21.62 13.82
C LEU D 198 -34.39 -22.13 14.64
N PHE D 199 -33.51 -21.22 15.09
CA PHE D 199 -32.35 -21.60 15.89
C PHE D 199 -32.77 -22.17 17.24
N GLU D 200 -33.74 -21.53 17.90
CA GLU D 200 -34.30 -22.06 19.14
C GLU D 200 -34.76 -23.49 18.96
N ALA D 201 -35.53 -23.75 17.91
CA ALA D 201 -36.06 -25.09 17.67
C ALA D 201 -34.92 -26.07 17.43
N ALA D 202 -33.89 -25.64 16.70
CA ALA D 202 -32.75 -26.51 16.46
C ALA D 202 -32.04 -26.84 17.76
N GLU D 203 -31.87 -25.85 18.65
CA GLU D 203 -31.25 -26.12 19.95
C GLU D 203 -32.06 -27.08 20.79
N GLU D 204 -33.39 -27.05 20.64
CA GLU D 204 -34.27 -27.96 21.36
C GLU D 204 -34.28 -29.36 20.77
N GLY D 205 -33.60 -29.59 19.66
CA GLY D 205 -33.56 -30.89 19.05
C GLY D 205 -34.49 -31.10 17.88
N ASP D 206 -35.16 -30.06 17.38
CA ASP D 206 -36.10 -30.19 16.28
C ASP D 206 -35.33 -30.63 15.02
N ASP D 207 -35.70 -31.81 14.50
CA ASP D 207 -34.99 -32.35 13.35
C ASP D 207 -35.27 -31.55 12.08
N ILE D 208 -36.49 -31.01 11.94
CA ILE D 208 -36.80 -30.22 10.74
C ILE D 208 -36.02 -28.90 10.75
N ALA D 209 -35.94 -28.24 11.92
CA ALA D 209 -35.16 -27.01 12.02
C ALA D 209 -33.67 -27.27 11.76
N LYS D 210 -33.14 -28.38 12.29
CA LYS D 210 -31.74 -28.71 12.07
C LYS D 210 -31.48 -28.94 10.59
N GLN D 211 -32.40 -29.60 9.90
CA GLN D 211 -32.19 -29.91 8.49
C GLN D 211 -32.18 -28.64 7.63
N ILE D 212 -33.11 -27.72 7.90
CA ILE D 212 -33.15 -26.45 7.19
C ILE D 212 -31.85 -25.69 7.40
N LEU D 213 -31.36 -25.66 8.65
CA LEU D 213 -30.13 -24.93 8.96
C LEU D 213 -28.90 -25.58 8.30
N ASN D 214 -28.78 -26.91 8.37
CA ASN D 214 -27.60 -27.55 7.78
C ASN D 214 -27.57 -27.37 6.27
N GLU D 215 -28.72 -27.54 5.61
CA GLU D 215 -28.76 -27.40 4.16
C GLU D 215 -28.44 -25.96 3.75
N TRP D 216 -28.96 -24.98 4.49
CA TRP D 216 -28.66 -23.58 4.22
C TRP D 216 -27.19 -23.26 4.50
N ALA D 217 -26.68 -23.71 5.66
CA ALA D 217 -25.28 -23.49 6.01
C ALA D 217 -24.35 -24.12 4.96
N GLU D 218 -24.76 -25.24 4.40
CA GLU D 218 -23.99 -25.86 3.31
C GLU D 218 -23.78 -24.86 2.18
N ASP D 219 -24.85 -24.15 1.80
CA ASP D 219 -24.77 -23.16 0.73
C ASP D 219 -23.97 -21.93 1.16
N VAL D 220 -24.10 -21.51 2.42
CA VAL D 220 -23.28 -20.41 2.91
C VAL D 220 -21.80 -20.78 2.81
N ALA D 221 -21.47 -21.98 3.25
CA ALA D 221 -20.06 -22.40 3.29
C ALA D 221 -19.45 -22.48 1.89
N GLU D 222 -20.25 -22.89 0.90
CA GLU D 222 -19.78 -22.93 -0.49
C GLU D 222 -19.24 -21.57 -0.92
N GLY D 223 -19.96 -20.48 -0.56
CA GLY D 223 -19.48 -19.14 -0.91
C GLY D 223 -18.24 -18.72 -0.13
N ILE D 224 -18.19 -19.02 1.16
CA ILE D 224 -17.01 -18.69 1.94
C ILE D 224 -15.77 -19.39 1.35
N ALA D 225 -15.94 -20.66 0.93
CA ALA D 225 -14.82 -21.38 0.31
C ALA D 225 -14.26 -20.64 -0.91
N GLN D 226 -15.13 -20.02 -1.73
CA GLN D 226 -14.64 -19.25 -2.88
C GLN D 226 -13.83 -18.04 -2.43
N ILE D 227 -14.30 -17.33 -1.40
CA ILE D 227 -13.58 -16.15 -0.92
C ILE D 227 -12.24 -16.57 -0.36
N GLN D 228 -12.22 -17.72 0.34
CA GLN D 228 -11.02 -18.28 0.95
C GLN D 228 -9.90 -18.49 -0.07
N VAL D 229 -10.20 -19.15 -1.21
CA VAL D 229 -9.08 -19.48 -2.10
C VAL D 229 -8.65 -18.32 -2.95
N TYR D 231 -8.83 -14.76 -1.67
CA TYR D 231 -8.14 -13.81 -0.80
C TYR D 231 -7.13 -14.45 0.13
N ASP D 232 -7.30 -15.73 0.48
CA ASP D 232 -6.54 -16.39 1.54
C ASP D 232 -6.49 -15.46 2.76
N PRO D 233 -7.64 -15.04 3.28
CA PRO D 233 -7.65 -14.09 4.41
C PRO D 233 -7.26 -14.78 5.70
N GLY D 234 -6.79 -13.99 6.67
CA GLY D 234 -6.51 -14.53 7.98
C GLY D 234 -7.73 -14.66 8.87
N LEU D 235 -8.83 -14.00 8.52
CA LEU D 235 -10.02 -14.00 9.36
C LEU D 235 -11.24 -13.64 8.50
N ILE D 236 -12.34 -14.36 8.71
CA ILE D 236 -13.60 -14.09 8.02
C ILE D 236 -14.65 -13.78 9.07
N LEU D 237 -15.19 -12.57 9.02
CA LEU D 237 -16.27 -12.12 9.90
C LEU D 237 -17.60 -12.31 9.19
N ILE D 238 -18.61 -12.69 9.97
CA ILE D 238 -20.00 -12.73 9.52
C ILE D 238 -20.75 -11.65 10.27
N GLY D 239 -21.35 -10.71 9.53
CA GLY D 239 -22.16 -9.66 10.12
C GLY D 239 -23.61 -9.76 9.70
N GLY D 240 -24.38 -8.75 10.12
CA GLY D 240 -25.79 -8.70 9.84
C GLY D 240 -26.64 -9.17 11.00
N GLY D 241 -27.94 -8.94 10.87
CA GLY D 241 -28.85 -9.24 11.97
C GLY D 241 -28.68 -10.65 12.50
N ILE D 242 -28.61 -11.63 11.61
CA ILE D 242 -28.50 -13.02 12.00
C ILE D 242 -27.19 -13.31 12.74
N SER D 243 -26.19 -12.44 12.64
CA SER D 243 -24.94 -12.73 13.33
C SER D 243 -25.10 -12.61 14.84
N GLU D 244 -26.23 -12.07 15.31
CA GLU D 244 -26.53 -12.09 16.74
C GLU D 244 -26.50 -13.52 17.30
N GLN D 245 -26.63 -14.55 16.44
CA GLN D 245 -26.61 -15.91 16.96
C GLN D 245 -25.22 -16.36 17.40
N GLY D 246 -24.17 -15.58 17.12
CA GLY D 246 -22.86 -15.91 17.63
C GLY D 246 -22.42 -17.31 17.24
N ASP D 247 -21.86 -18.02 18.23
CA ASP D 247 -21.31 -19.35 18.00
C ASP D 247 -22.34 -20.33 17.45
N ASN D 248 -23.63 -20.14 17.78
CA ASN D 248 -24.67 -21.03 17.27
C ASN D 248 -24.90 -20.85 15.77
N LEU D 249 -24.55 -19.70 15.19
CA LEU D 249 -24.50 -19.58 13.74
C LEU D 249 -23.20 -20.18 13.19
N ILE D 250 -22.07 -19.87 13.83
CA ILE D 250 -20.78 -20.30 13.31
C ILE D 250 -20.68 -21.82 13.25
N LYS D 251 -21.18 -22.51 14.28
CA LYS D 251 -21.00 -23.95 14.38
C LYS D 251 -21.66 -24.70 13.23
N TYR D 252 -22.67 -24.12 12.58
CA TYR D 252 -23.27 -24.75 11.40
C TYR D 252 -22.47 -24.52 10.14
N ILE D 253 -21.82 -23.37 10.02
CA ILE D 253 -21.18 -22.95 8.78
C ILE D 253 -19.72 -23.38 8.73
N GLU D 254 -18.98 -23.11 9.79
CA GLU D 254 -17.52 -23.28 9.78
C GLU D 254 -17.08 -24.68 9.34
N PRO D 255 -17.59 -25.78 9.89
CA PRO D 255 -17.08 -27.11 9.47
C PRO D 255 -17.44 -27.46 8.04
N LYS D 256 -18.46 -26.84 7.45
CA LYS D 256 -18.87 -27.19 6.10
C LYS D 256 -18.00 -26.52 5.03
N VAL D 257 -17.26 -25.46 5.36
CA VAL D 257 -16.37 -24.83 4.38
C VAL D 257 -15.40 -25.87 3.80
N ALA D 258 -14.99 -26.84 4.64
CA ALA D 258 -14.06 -27.90 4.23
C ALA D 258 -14.61 -28.72 3.07
N HIS D 259 -15.94 -28.81 2.95
CA HIS D 259 -16.55 -29.60 1.88
C HIS D 259 -16.24 -29.07 0.48
N TYR D 260 -15.88 -27.78 0.34
CA TYR D 260 -15.67 -27.18 -0.98
C TYR D 260 -14.21 -26.85 -1.24
N LEU D 261 -13.31 -27.37 -0.42
CA LEU D 261 -11.88 -27.11 -0.47
C LEU D 261 -11.12 -28.42 -0.60
N PRO D 262 -9.88 -28.39 -1.08
CA PRO D 262 -9.11 -29.63 -1.21
C PRO D 262 -8.85 -30.29 0.14
N LYS D 263 -8.53 -31.57 0.09
CA LYS D 263 -8.30 -32.34 1.30
C LYS D 263 -7.23 -31.67 2.16
N ASP D 264 -7.54 -31.48 3.45
CA ASP D 264 -6.63 -30.93 4.45
C ASP D 264 -6.23 -29.48 4.18
N TYR D 265 -7.00 -28.75 3.38
CA TYR D 265 -6.74 -27.32 3.21
C TYR D 265 -6.98 -26.58 4.53
N VAL D 266 -6.01 -25.76 4.93
CA VAL D 266 -6.11 -25.00 6.17
C VAL D 266 -6.78 -23.64 5.86
N TYR D 267 -8.02 -23.43 6.33
CA TYR D 267 -8.73 -22.19 6.02
C TYR D 267 -8.90 -21.31 7.25
N ALA D 268 -9.29 -20.06 7.00
CA ALA D 268 -9.29 -19.04 8.04
C ALA D 268 -10.29 -19.36 9.14
N PRO D 269 -10.02 -18.94 10.39
CA PRO D 269 -11.08 -18.91 11.41
C PRO D 269 -12.22 -18.01 10.96
N ILE D 270 -13.43 -18.36 11.44
CA ILE D 270 -14.67 -17.69 11.08
C ILE D 270 -15.38 -17.30 12.38
N GLN D 271 -15.73 -16.01 12.51
CA GLN D 271 -16.36 -15.44 13.70
C GLN D 271 -17.44 -14.45 13.28
N THR D 272 -18.34 -14.12 14.21
CA THR D 272 -19.33 -13.06 13.98
C THR D 272 -18.76 -11.71 14.39
N THR D 273 -19.28 -10.64 13.77
CA THR D 273 -18.81 -9.28 14.09
C THR D 273 -19.12 -8.93 15.53
N LYS D 274 -18.37 -7.98 16.06
CA LYS D 274 -18.50 -7.65 17.48
C LYS D 274 -19.29 -6.37 17.74
N SER D 275 -19.18 -5.37 16.88
CA SER D 275 -19.95 -4.13 17.07
C SER D 275 -21.25 -4.25 16.28
N LYS D 276 -22.38 -4.17 16.96
CA LYS D 276 -23.63 -4.53 16.32
C LYS D 276 -24.36 -3.37 15.65
N ASN D 277 -24.16 -2.13 16.08
CA ASN D 277 -25.01 -1.06 15.55
C ASN D 277 -24.25 0.10 14.94
N ASP D 278 -23.18 0.56 15.59
CA ASP D 278 -22.56 1.85 15.32
C ASP D 278 -21.43 1.81 14.30
N ALA D 279 -21.09 0.63 13.77
CA ALA D 279 -19.79 0.44 13.12
C ALA D 279 -19.58 1.43 11.97
N ALA D 280 -20.59 1.62 11.11
CA ALA D 280 -20.41 2.46 9.93
C ALA D 280 -20.24 3.93 10.31
N LEU D 281 -20.84 4.36 11.42
CA LEU D 281 -20.65 5.73 11.90
C LEU D 281 -19.19 5.98 12.23
N TYR D 282 -18.55 5.01 12.93
CA TYR D 282 -17.10 5.08 13.15
C TYR D 282 -16.35 4.91 11.84
N GLY D 283 -16.79 3.97 11.01
CA GLY D 283 -16.05 3.64 9.81
C GLY D 283 -16.03 4.74 8.75
N CYS D 284 -17.11 5.51 8.63
CA CYS D 284 -17.17 6.53 7.58
C CYS D 284 -16.19 7.67 7.82
N LEU D 285 -15.62 7.79 9.02
CA LEU D 285 -14.58 8.74 9.32
C LEU D 285 -13.18 8.22 9.01
N GLN D 286 -13.04 6.96 8.61
CA GLN D 286 -11.72 6.32 8.49
C GLN D 286 -11.16 6.22 7.06
#